data_380D
# 
_entry.id   380D 
# 
_audit_conform.dict_name       mmcif_pdbx.dic 
_audit_conform.dict_version    5.387 
_audit_conform.dict_location   http://mmcif.pdb.org/dictionaries/ascii/mmcif_pdbx.dic 
# 
loop_
_database_2.database_id 
_database_2.database_code 
_database_2.pdbx_database_accession 
_database_2.pdbx_DOI 
PDB   380D         pdb_0000380d 10.2210/pdb380d/pdb 
RCSB  DDFB76       ?            ?                   
WWPDB D_1000178848 ?            ?                   
# 
loop_
_pdbx_audit_revision_history.ordinal 
_pdbx_audit_revision_history.data_content_type 
_pdbx_audit_revision_history.major_revision 
_pdbx_audit_revision_history.minor_revision 
_pdbx_audit_revision_history.revision_date 
1 'Structure model' 1 0 1998-07-13 
2 'Structure model' 1 1 2008-05-22 
3 'Structure model' 1 2 2011-07-13 
4 'Structure model' 1 3 2014-11-26 
5 'Structure model' 1 4 2024-02-21 
# 
_pdbx_audit_revision_details.ordinal             1 
_pdbx_audit_revision_details.revision_ordinal    1 
_pdbx_audit_revision_details.data_content_type   'Structure model' 
_pdbx_audit_revision_details.provider            repository 
_pdbx_audit_revision_details.type                'Initial release' 
_pdbx_audit_revision_details.description         ? 
_pdbx_audit_revision_details.details             ? 
# 
loop_
_pdbx_audit_revision_group.ordinal 
_pdbx_audit_revision_group.revision_ordinal 
_pdbx_audit_revision_group.data_content_type 
_pdbx_audit_revision_group.group 
1 2 'Structure model' 'Version format compliance' 
2 3 'Structure model' 'Version format compliance' 
3 4 'Structure model' Other                       
4 5 'Structure model' 'Data collection'           
5 5 'Structure model' 'Database references'       
6 5 'Structure model' 'Derived calculations'      
7 5 'Structure model' 'Refinement description'    
# 
loop_
_pdbx_audit_revision_category.ordinal 
_pdbx_audit_revision_category.revision_ordinal 
_pdbx_audit_revision_category.data_content_type 
_pdbx_audit_revision_category.category 
1 5 'Structure model' chem_comp_atom 
2 5 'Structure model' chem_comp_bond 
3 5 'Structure model' database_2     
4 5 'Structure model' software       
5 5 'Structure model' struct_conn    
6 5 'Structure model' struct_site    
# 
loop_
_pdbx_audit_revision_item.ordinal 
_pdbx_audit_revision_item.revision_ordinal 
_pdbx_audit_revision_item.data_content_type 
_pdbx_audit_revision_item.item 
1  5 'Structure model' '_database_2.pdbx_DOI'                
2  5 'Structure model' '_database_2.pdbx_database_accession' 
3  5 'Structure model' '_software.name'                      
4  5 'Structure model' '_struct_conn.pdbx_dist_value'        
5  5 'Structure model' '_struct_conn.pdbx_leaving_atom_flag' 
6  5 'Structure model' '_struct_conn.ptnr1_auth_asym_id'     
7  5 'Structure model' '_struct_conn.ptnr1_auth_comp_id'     
8  5 'Structure model' '_struct_conn.ptnr1_auth_seq_id'      
9  5 'Structure model' '_struct_conn.ptnr1_label_asym_id'    
10 5 'Structure model' '_struct_conn.ptnr1_label_atom_id'    
11 5 'Structure model' '_struct_conn.ptnr1_label_comp_id'    
12 5 'Structure model' '_struct_conn.ptnr1_label_seq_id'     
13 5 'Structure model' '_struct_conn.ptnr2_auth_asym_id'     
14 5 'Structure model' '_struct_conn.ptnr2_auth_comp_id'     
15 5 'Structure model' '_struct_conn.ptnr2_auth_seq_id'      
16 5 'Structure model' '_struct_conn.ptnr2_label_asym_id'    
17 5 'Structure model' '_struct_conn.ptnr2_label_atom_id'    
18 5 'Structure model' '_struct_conn.ptnr2_label_comp_id'    
19 5 'Structure model' '_struct_conn.ptnr2_label_seq_id'     
20 5 'Structure model' '_struct_site.pdbx_auth_asym_id'      
21 5 'Structure model' '_struct_site.pdbx_auth_comp_id'      
22 5 'Structure model' '_struct_site.pdbx_auth_seq_id'       
# 
_pdbx_database_status.status_code                     REL 
_pdbx_database_status.entry_id                        380D 
_pdbx_database_status.recvd_initial_deposition_date   1998-02-18 
_pdbx_database_status.deposit_site                    NDB 
_pdbx_database_status.process_site                    NDB 
_pdbx_database_status.status_code_sf                  REL 
_pdbx_database_status.status_code_mr                  ? 
_pdbx_database_status.SG_entry                        ? 
_pdbx_database_status.status_code_cs                  ? 
_pdbx_database_status.methods_development_category    ? 
_pdbx_database_status.pdb_format_compatible           Y 
_pdbx_database_status.status_code_nmr_data            ? 
# 
loop_
_audit_author.name 
_audit_author.pdbx_ordinal 
'Dutta, R.'     1 
'Gao, Y.-G.'    2 
'Priebe, W.'    3 
'Wang, A.H.-J.' 4 
# 
_citation.id                        primary 
_citation.title                     
;Binding of the modified daunorubicin WP401 adjacent to a T-G base pair induces the reverse Watson-Crick conformation: crystal structures of the WP401-TGGCCG and WP401-CGG[br5C]CG complexes.
;
_citation.journal_abbrev            'Nucleic Acids Res.' 
_citation.journal_volume            26 
_citation.page_first                3001 
_citation.page_last                 3005 
_citation.year                      1998 
_citation.journal_id_ASTM           NARHAD 
_citation.country                   UK 
_citation.journal_id_ISSN           0305-1048 
_citation.journal_id_CSD            0389 
_citation.book_publisher            ? 
_citation.pdbx_database_id_PubMed   9611247 
_citation.pdbx_database_id_DOI      10.1093/nar/26.12.3001 
# 
loop_
_citation_author.citation_id 
_citation_author.name 
_citation_author.ordinal 
_citation_author.identifier_ORCID 
primary 'Dutta, R.'  1 ? 
primary 'Gao, Y.G.'  2 ? 
primary 'Priebe, W.' 3 ? 
primary 'Wang, A.H.' 4 ? 
# 
loop_
_entity.id 
_entity.type 
_entity.src_method 
_entity.pdbx_description 
_entity.formula_weight 
_entity.pdbx_number_of_molecules 
_entity.pdbx_ec 
_entity.pdbx_mutation 
_entity.pdbx_fragment 
_entity.details 
1 polymer     man 
;DNA (5'-D(*CP*GP*(G49)P*(CBR)P*CP*G)-3')
;
1903.128 2  ? ? ? ? 
2 non-polymer syn "2'-BROMO-4'-EPIDAUNORUBICIN"              606.416  2  ? ? ? ? 
3 water       nat water                                      18.015   34 ? ? ? ? 
# 
_entity_poly.entity_id                      1 
_entity_poly.type                           polydeoxyribonucleotide 
_entity_poly.nstd_linkage                   no 
_entity_poly.nstd_monomer                   yes 
_entity_poly.pdbx_seq_one_letter_code       '(DC)(DG)(G49)(CBR)(DC)(DG)' 
_entity_poly.pdbx_seq_one_letter_code_can   CGGCCG 
_entity_poly.pdbx_strand_id                 A,B 
_entity_poly.pdbx_target_identifier         ? 
# 
loop_
_pdbx_entity_nonpoly.entity_id 
_pdbx_entity_nonpoly.name 
_pdbx_entity_nonpoly.comp_id 
2 "2'-BROMO-4'-EPIDAUNORUBICIN" DM8 
3 water                         HOH 
# 
loop_
_entity_poly_seq.entity_id 
_entity_poly_seq.num 
_entity_poly_seq.mon_id 
_entity_poly_seq.hetero 
1 1 DC  n 
1 2 DG  n 
1 3 G49 n 
1 4 CBR n 
1 5 DC  n 
1 6 DG  n 
# 
loop_
_chem_comp.id 
_chem_comp.type 
_chem_comp.mon_nstd_flag 
_chem_comp.name 
_chem_comp.pdbx_synonyms 
_chem_comp.formula 
_chem_comp.formula_weight 
CBR 'DNA linking' n "5-BROMO-2'-DEOXY-CYTIDINE-5'-MONOPHOSPHATE"    ?                                                       
'C9 H13 Br N3 O7 P' 386.093 
DC  'DNA linking' y "2'-DEOXYCYTIDINE-5'-MONOPHOSPHATE"             ?                                                       
'C9 H14 N3 O7 P'    307.197 
DG  'DNA linking' y "2'-DEOXYGUANOSINE-5'-MONOPHOSPHATE"            ?                                                       
'C10 H14 N5 O7 P'   347.221 
DM8 non-polymer   . "2'-BROMO-4'-EPIDAUNORUBICIN"                   'WP401; DAUNOMYCIN DERIVATIVE; DAUNORUBICIN DERIVATIVE' 
'C27 H28 Br N O10'  606.416 
G49 'DNA linking' n "N2-METHYL-2'-DEOXY-GUANOSINE-5'-MONOPHOSPHATE" ?                                                       
'C11 H16 N5 O7 P'   361.248 
HOH non-polymer   . WATER                                           ?                                                       'H2 O' 
18.015  
# 
loop_
_pdbx_poly_seq_scheme.asym_id 
_pdbx_poly_seq_scheme.entity_id 
_pdbx_poly_seq_scheme.seq_id 
_pdbx_poly_seq_scheme.mon_id 
_pdbx_poly_seq_scheme.ndb_seq_num 
_pdbx_poly_seq_scheme.pdb_seq_num 
_pdbx_poly_seq_scheme.auth_seq_num 
_pdbx_poly_seq_scheme.pdb_mon_id 
_pdbx_poly_seq_scheme.auth_mon_id 
_pdbx_poly_seq_scheme.pdb_strand_id 
_pdbx_poly_seq_scheme.pdb_ins_code 
_pdbx_poly_seq_scheme.hetero 
A 1 1 DC  1 1  1  DC  C  A . n 
A 1 2 DG  2 2  2  DG  G  A . n 
A 1 3 G49 3 3  3  G49 +G A . n 
A 1 4 CBR 4 4  4  CBR BR A . n 
A 1 5 DC  5 5  5  DC  C  A . n 
A 1 6 DG  6 6  6  DG  G  A . n 
B 1 1 DC  1 7  7  DC  C  B . n 
B 1 2 DG  2 8  8  DG  G  B . n 
B 1 3 G49 3 9  9  G49 +G B . n 
B 1 4 CBR 4 10 10 CBR BR B . n 
B 1 5 DC  5 11 11 DC  C  B . n 
B 1 6 DG  6 12 12 DG  G  B . n 
# 
loop_
_pdbx_nonpoly_scheme.asym_id 
_pdbx_nonpoly_scheme.entity_id 
_pdbx_nonpoly_scheme.mon_id 
_pdbx_nonpoly_scheme.ndb_seq_num 
_pdbx_nonpoly_scheme.pdb_seq_num 
_pdbx_nonpoly_scheme.auth_seq_num 
_pdbx_nonpoly_scheme.pdb_mon_id 
_pdbx_nonpoly_scheme.auth_mon_id 
_pdbx_nonpoly_scheme.pdb_strand_id 
_pdbx_nonpoly_scheme.pdb_ins_code 
C 2 DM8 1  7  3  DM8 DM8 A . 
D 2 DM8 1  13 9  DM8 DM8 B . 
E 3 HOH 1  18 18 HOH HOH A . 
E 3 HOH 2  19 19 HOH HOH A . 
E 3 HOH 3  22 22 HOH HOH A . 
E 3 HOH 4  24 24 HOH HOH A . 
E 3 HOH 5  26 26 HOH HOH A . 
E 3 HOH 6  30 30 HOH HOH A . 
E 3 HOH 7  31 31 HOH HOH A . 
E 3 HOH 8  33 33 HOH HOH A . 
E 3 HOH 9  35 35 HOH HOH A . 
E 3 HOH 10 40 40 HOH HOH A . 
E 3 HOH 11 41 41 HOH HOH A . 
E 3 HOH 12 44 44 HOH HOH A . 
E 3 HOH 13 45 45 HOH HOH A . 
E 3 HOH 14 47 47 HOH HOH A . 
F 3 HOH 1  15 15 HOH HOH B . 
F 3 HOH 2  16 16 HOH HOH B . 
F 3 HOH 3  17 17 HOH HOH B . 
F 3 HOH 4  20 20 HOH HOH B . 
F 3 HOH 5  21 21 HOH HOH B . 
F 3 HOH 6  23 23 HOH HOH B . 
F 3 HOH 7  25 25 HOH HOH B . 
F 3 HOH 8  27 27 HOH HOH B . 
F 3 HOH 9  28 28 HOH HOH B . 
F 3 HOH 10 29 29 HOH HOH B . 
F 3 HOH 11 32 32 HOH HOH B . 
F 3 HOH 12 34 34 HOH HOH B . 
F 3 HOH 13 36 36 HOH HOH B . 
F 3 HOH 14 37 37 HOH HOH B . 
F 3 HOH 15 38 38 HOH HOH B . 
F 3 HOH 16 39 39 HOH HOH B . 
F 3 HOH 17 42 42 HOH HOH B . 
F 3 HOH 18 43 43 HOH HOH B . 
F 3 HOH 19 46 46 HOH HOH B . 
F 3 HOH 20 48 48 HOH HOH B . 
# 
loop_
_software.name 
_software.classification 
_software.version 
_software.citation_id 
_software.pdbx_ordinal 
X-PLOR refinement       .        ? 1 
bioteX 'data reduction' 'V. 1.1' ? 2 
bioteX 'data scaling'   'V. 1.1' ? 3 
# 
_cell.entry_id           380D 
_cell.length_a           37.230 
_cell.length_b           37.230 
_cell.length_c           61.960 
_cell.angle_alpha        90.00 
_cell.angle_beta         90.00 
_cell.angle_gamma        90.00 
_cell.Z_PDB              16 
_cell.pdbx_unique_axis   ? 
_cell.length_a_esd       ? 
_cell.length_b_esd       ? 
_cell.length_c_esd       ? 
_cell.angle_alpha_esd    ? 
_cell.angle_beta_esd     ? 
_cell.angle_gamma_esd    ? 
# 
_symmetry.entry_id                         380D 
_symmetry.space_group_name_H-M             'P 43 21 2' 
_symmetry.pdbx_full_space_group_name_H-M   ? 
_symmetry.cell_setting                     ? 
_symmetry.Int_Tables_number                96 
_symmetry.space_group_name_Hall            ? 
# 
_exptl.entry_id          380D 
_exptl.method            'X-RAY DIFFRACTION' 
_exptl.crystals_number   1 
# 
_exptl_crystal.id                    1 
_exptl_crystal.density_meas          ? 
_exptl_crystal.density_Matthews      2.82 
_exptl_crystal.density_percent_sol   56.39 
_exptl_crystal.description           ? 
_exptl_crystal.F_000                 ? 
_exptl_crystal.preparation           ? 
# 
_exptl_crystal_grow.crystal_id      1 
_exptl_crystal_grow.method          'VAPOR DIFFUSION' 
_exptl_crystal_grow.temp            298.00 
_exptl_crystal_grow.temp_details    ? 
_exptl_crystal_grow.pH              6.00 
_exptl_crystal_grow.pdbx_details    'pH 6.00, VAPOR DIFFUSION, temperature 298.00K' 
_exptl_crystal_grow.pdbx_pH_range   ? 
# 
loop_
_exptl_crystal_grow_comp.crystal_id 
_exptl_crystal_grow_comp.id 
_exptl_crystal_grow_comp.sol_id 
_exptl_crystal_grow_comp.name 
_exptl_crystal_grow_comp.volume 
_exptl_crystal_grow_comp.conc 
_exptl_crystal_grow_comp.details 
1 1 1 WATER               ? ? ? 
1 2 1 BACL2               ? ? ? 
1 3 1 'SODIUM CACODYLATE' ? ? ? 
1 4 1 SPERMINE            ? ? ? 
1 5 1 MPD                 ? ? ? 
1 6 2 WATER               ? ? ? 
1 7 2 MPD                 ? ? ? 
# 
_diffrn.id                     1 
_diffrn.ambient_temp           293.00 
_diffrn.ambient_temp_details   ? 
_diffrn.crystal_id             1 
# 
_diffrn_detector.diffrn_id              1 
_diffrn_detector.detector               'IMAGE PLATE' 
_diffrn_detector.type                   RIGAKU 
_diffrn_detector.pdbx_collection_date   1997-07-22 
_diffrn_detector.details                ? 
# 
_diffrn_radiation.diffrn_id                        1 
_diffrn_radiation.wavelength_id                    1 
_diffrn_radiation.pdbx_monochromatic_or_laue_m_l   M 
_diffrn_radiation.monochromator                    GRAPHITE 
_diffrn_radiation.pdbx_diffrn_protocol             ? 
_diffrn_radiation.pdbx_scattering_type             x-ray 
# 
_diffrn_radiation_wavelength.id           1 
_diffrn_radiation_wavelength.wavelength   . 
_diffrn_radiation_wavelength.wt           1.0 
# 
_diffrn_source.diffrn_id                   1 
_diffrn_source.source                      ? 
_diffrn_source.type                        ? 
_diffrn_source.pdbx_synchrotron_site       ? 
_diffrn_source.pdbx_synchrotron_beamline   ? 
_diffrn_source.pdbx_wavelength             ? 
_diffrn_source.pdbx_wavelength_list        ? 
# 
_reflns.entry_id                     380D 
_reflns.observed_criterion_sigma_I   1.000 
_reflns.observed_criterion_sigma_F   ? 
_reflns.d_resolution_low             10.000 
_reflns.d_resolution_high            2.000 
_reflns.number_obs                   3416 
_reflns.number_all                   ? 
_reflns.percent_possible_obs         94.500 
_reflns.pdbx_Rmerge_I_obs            0.06 
_reflns.pdbx_Rsym_value              ? 
_reflns.pdbx_netI_over_sigmaI        ? 
_reflns.B_iso_Wilson_estimate        ? 
_reflns.pdbx_redundancy              11.50 
_reflns.R_free_details               ? 
_reflns.pdbx_chi_squared             ? 
_reflns.pdbx_scaling_rejects         ? 
_reflns.pdbx_ordinal                 1 
_reflns.pdbx_diffrn_id               1 
# 
_refine.entry_id                                 380D 
_refine.ls_number_reflns_obs                     3077 
_refine.ls_number_reflns_all                     ? 
_refine.pdbx_ls_sigma_I                          ? 
_refine.pdbx_ls_sigma_F                          2.000 
_refine.pdbx_data_cutoff_high_absF               ? 
_refine.pdbx_data_cutoff_low_absF                ? 
_refine.pdbx_data_cutoff_high_rms_absF           ? 
_refine.ls_d_res_low                             10.000 
_refine.ls_d_res_high                            2.000 
_refine.ls_percent_reflns_obs                    85.310 
_refine.ls_R_factor_obs                          0.189 
_refine.ls_R_factor_all                          0.193 
_refine.ls_R_factor_R_work                       0.189 
_refine.ls_R_factor_R_free                       0.242 
_refine.ls_R_factor_R_free_error                 ? 
_refine.ls_R_factor_R_free_error_details         ? 
_refine.ls_percent_reflns_R_free                 5.000 
_refine.ls_number_reflns_R_free                  ? 
_refine.ls_number_parameters                     ? 
_refine.ls_number_restraints                     ? 
_refine.occupancy_min                            ? 
_refine.occupancy_max                            ? 
_refine.B_iso_mean                               ? 
_refine.aniso_B[1][1]                            ? 
_refine.aniso_B[2][2]                            ? 
_refine.aniso_B[3][3]                            ? 
_refine.aniso_B[1][2]                            ? 
_refine.aniso_B[1][3]                            ? 
_refine.aniso_B[2][3]                            ? 
_refine.solvent_model_details                    ? 
_refine.solvent_model_param_ksol                 ? 
_refine.solvent_model_param_bsol                 ? 
_refine.pdbx_ls_cross_valid_method               ? 
_refine.details                                  ? 
_refine.pdbx_starting_model                      ? 
_refine.pdbx_method_to_determine_struct          ? 
_refine.pdbx_isotropic_thermal_model             ? 
_refine.pdbx_stereochemistry_target_values       ? 
_refine.pdbx_stereochem_target_val_spec_case     ? 
_refine.pdbx_R_Free_selection_details            ? 
_refine.pdbx_overall_ESU_R                       ? 
_refine.pdbx_overall_ESU_R_Free                  ? 
_refine.overall_SU_ML                            ? 
_refine.overall_SU_B                             ? 
_refine.pdbx_refine_id                           'X-RAY DIFFRACTION' 
_refine.ls_redundancy_reflns_obs                 ? 
_refine.pdbx_overall_phase_error                 ? 
_refine.correlation_coeff_Fo_to_Fc               ? 
_refine.correlation_coeff_Fo_to_Fc_free          ? 
_refine.pdbx_solvent_vdw_probe_radii             ? 
_refine.pdbx_solvent_ion_probe_radii             ? 
_refine.pdbx_solvent_shrinkage_radii             ? 
_refine.overall_SU_R_Cruickshank_DPI             ? 
_refine.overall_SU_R_free                        ? 
_refine.ls_wR_factor_R_free                      ? 
_refine.ls_wR_factor_R_work                      ? 
_refine.overall_FOM_free_R_set                   ? 
_refine.overall_FOM_work_R_set                   ? 
_refine.pdbx_diffrn_id                           1 
_refine.pdbx_TLS_residual_ADP_flag               ? 
_refine.pdbx_overall_SU_R_free_Cruickshank_DPI   ? 
_refine.pdbx_overall_SU_R_Blow_DPI               ? 
_refine.pdbx_overall_SU_R_free_Blow_DPI          ? 
# 
_refine_hist.pdbx_refine_id                   'X-RAY DIFFRACTION' 
_refine_hist.cycle_id                         LAST 
_refine_hist.pdbx_number_atoms_protein        0 
_refine_hist.pdbx_number_atoms_nucleic_acid   244 
_refine_hist.pdbx_number_atoms_ligand         78 
_refine_hist.number_atoms_solvent             34 
_refine_hist.number_atoms_total               356 
_refine_hist.d_res_high                       2.000 
_refine_hist.d_res_low                        10.000 
# 
loop_
_refine_ls_restr.type 
_refine_ls_restr.dev_ideal 
_refine_ls_restr.dev_ideal_target 
_refine_ls_restr.weight 
_refine_ls_restr.number 
_refine_ls_restr.pdbx_refine_id 
_refine_ls_restr.pdbx_restraint_function 
x_bond_d                0.006 ? ? ? 'X-RAY DIFFRACTION' ? 
x_bond_d_na             ?     ? ? ? 'X-RAY DIFFRACTION' ? 
x_bond_d_prot           ?     ? ? ? 'X-RAY DIFFRACTION' ? 
x_angle_d               ?     ? ? ? 'X-RAY DIFFRACTION' ? 
x_angle_d_na            ?     ? ? ? 'X-RAY DIFFRACTION' ? 
x_angle_d_prot          ?     ? ? ? 'X-RAY DIFFRACTION' ? 
x_angle_deg             0.91  ? ? ? 'X-RAY DIFFRACTION' ? 
x_angle_deg_na          ?     ? ? ? 'X-RAY DIFFRACTION' ? 
x_angle_deg_prot        ?     ? ? ? 'X-RAY DIFFRACTION' ? 
x_dihedral_angle_d      ?     ? ? ? 'X-RAY DIFFRACTION' ? 
x_dihedral_angle_d_na   ?     ? ? ? 'X-RAY DIFFRACTION' ? 
x_dihedral_angle_d_prot ?     ? ? ? 'X-RAY DIFFRACTION' ? 
x_improper_angle_d      ?     ? ? ? 'X-RAY DIFFRACTION' ? 
x_improper_angle_d_na   ?     ? ? ? 'X-RAY DIFFRACTION' ? 
x_improper_angle_d_prot ?     ? ? ? 'X-RAY DIFFRACTION' ? 
x_mcbond_it             ?     ? ? ? 'X-RAY DIFFRACTION' ? 
x_mcangle_it            ?     ? ? ? 'X-RAY DIFFRACTION' ? 
x_scbond_it             ?     ? ? ? 'X-RAY DIFFRACTION' ? 
x_scangle_it            ?     ? ? ? 'X-RAY DIFFRACTION' ? 
# 
_struct.entry_id                  380D 
_struct.title                     
;BINDING OF THE MODIFIED DAUNORUBICIN WP401 ADJACENT TO A T-G BASE PAIR INDUCES THE REVERSE WATSON-CRICK CONFORMATION: CRYSTAL STRUCTURES OF THE WP401-TGGCCG AND WP401-CGG[BR5C]CG COMPLEXES
;
_struct.pdbx_model_details        ? 
_struct.pdbx_CASP_flag            ? 
_struct.pdbx_model_type_details   ? 
# 
_struct_keywords.entry_id        380D 
_struct_keywords.pdbx_keywords   DNA 
_struct_keywords.text            'RIGHT HANDED DNA, DOUBLE HELIX, MODIFIED, DNA' 
# 
loop_
_struct_asym.id 
_struct_asym.pdbx_blank_PDB_chainid_flag 
_struct_asym.pdbx_modified 
_struct_asym.entity_id 
_struct_asym.details 
A N N 1 ? 
B N N 1 ? 
C N N 2 ? 
D N N 2 ? 
E N N 3 ? 
F N N 3 ? 
# 
_struct_ref.id                         1 
_struct_ref.entity_id                  1 
_struct_ref.db_name                    PDB 
_struct_ref.db_code                    380D 
_struct_ref.pdbx_db_accession          380D 
_struct_ref.pdbx_align_begin           ? 
_struct_ref.pdbx_seq_one_letter_code   ? 
_struct_ref.pdbx_db_isoform            ? 
# 
loop_
_struct_ref_seq.align_id 
_struct_ref_seq.ref_id 
_struct_ref_seq.pdbx_PDB_id_code 
_struct_ref_seq.pdbx_strand_id 
_struct_ref_seq.seq_align_beg 
_struct_ref_seq.pdbx_seq_align_beg_ins_code 
_struct_ref_seq.seq_align_end 
_struct_ref_seq.pdbx_seq_align_end_ins_code 
_struct_ref_seq.pdbx_db_accession 
_struct_ref_seq.db_align_beg 
_struct_ref_seq.pdbx_db_align_beg_ins_code 
_struct_ref_seq.db_align_end 
_struct_ref_seq.pdbx_db_align_end_ins_code 
_struct_ref_seq.pdbx_auth_seq_align_beg 
_struct_ref_seq.pdbx_auth_seq_align_end 
1 1 380D A 1 ? 6 ? 380D 1 ? 6  ? 1 6  
2 1 380D B 1 ? 6 ? 380D 7 ? 12 ? 7 12 
# 
_pdbx_struct_assembly.id                   1 
_pdbx_struct_assembly.details              author_defined_assembly 
_pdbx_struct_assembly.method_details       ? 
_pdbx_struct_assembly.oligomeric_details   dimeric 
_pdbx_struct_assembly.oligomeric_count     2 
# 
_pdbx_struct_assembly_gen.assembly_id       1 
_pdbx_struct_assembly_gen.oper_expression   1 
_pdbx_struct_assembly_gen.asym_id_list      A,B,C,D,E,F 
# 
_pdbx_struct_oper_list.id                   1 
_pdbx_struct_oper_list.type                 'identity operation' 
_pdbx_struct_oper_list.name                 1_555 
_pdbx_struct_oper_list.symmetry_operation   x,y,z 
_pdbx_struct_oper_list.matrix[1][1]         1.0000000000 
_pdbx_struct_oper_list.matrix[1][2]         0.0000000000 
_pdbx_struct_oper_list.matrix[1][3]         0.0000000000 
_pdbx_struct_oper_list.vector[1]            0.0000000000 
_pdbx_struct_oper_list.matrix[2][1]         0.0000000000 
_pdbx_struct_oper_list.matrix[2][2]         1.0000000000 
_pdbx_struct_oper_list.matrix[2][3]         0.0000000000 
_pdbx_struct_oper_list.vector[2]            0.0000000000 
_pdbx_struct_oper_list.matrix[3][1]         0.0000000000 
_pdbx_struct_oper_list.matrix[3][2]         0.0000000000 
_pdbx_struct_oper_list.matrix[3][3]         1.0000000000 
_pdbx_struct_oper_list.vector[3]            0.0000000000 
# 
_struct_biol.id        1 
_struct_biol.details   ? 
# 
loop_
_struct_conn.id 
_struct_conn.conn_type_id 
_struct_conn.pdbx_leaving_atom_flag 
_struct_conn.pdbx_PDB_id 
_struct_conn.ptnr1_label_asym_id 
_struct_conn.ptnr1_label_comp_id 
_struct_conn.ptnr1_label_seq_id 
_struct_conn.ptnr1_label_atom_id 
_struct_conn.pdbx_ptnr1_label_alt_id 
_struct_conn.pdbx_ptnr1_PDB_ins_code 
_struct_conn.pdbx_ptnr1_standard_comp_id 
_struct_conn.ptnr1_symmetry 
_struct_conn.ptnr2_label_asym_id 
_struct_conn.ptnr2_label_comp_id 
_struct_conn.ptnr2_label_seq_id 
_struct_conn.ptnr2_label_atom_id 
_struct_conn.pdbx_ptnr2_label_alt_id 
_struct_conn.pdbx_ptnr2_PDB_ins_code 
_struct_conn.ptnr1_auth_asym_id 
_struct_conn.ptnr1_auth_comp_id 
_struct_conn.ptnr1_auth_seq_id 
_struct_conn.ptnr2_auth_asym_id 
_struct_conn.ptnr2_auth_comp_id 
_struct_conn.ptnr2_auth_seq_id 
_struct_conn.ptnr2_symmetry 
_struct_conn.pdbx_ptnr3_label_atom_id 
_struct_conn.pdbx_ptnr3_label_seq_id 
_struct_conn.pdbx_ptnr3_label_comp_id 
_struct_conn.pdbx_ptnr3_label_asym_id 
_struct_conn.pdbx_ptnr3_label_alt_id 
_struct_conn.pdbx_ptnr3_PDB_ins_code 
_struct_conn.details 
_struct_conn.pdbx_dist_value 
_struct_conn.pdbx_value_order 
_struct_conn.pdbx_role 
covale1  covale both ? A DG  2 "O3'" ? ? ? 1_555 A G49 3 P     ? ? A DG  2  A G49 3  1_555 ? ? ? ? ? ? ?            1.592 ? ? 
covale2  covale one  ? A G49 3 "O3'" ? ? ? 1_555 A CBR 4 P     ? ? A G49 3  A CBR 4  1_555 ? ? ? ? ? ? ?            1.602 ? ? 
covale3  covale none ? A G49 3 CM2   ? ? ? 1_555 C DM8 . "N3'" ? ? A G49 3  A DM8 7  1_555 ? ? ? ? ? ? ?            1.432 ? ? 
covale4  covale both ? A CBR 4 "O3'" ? ? ? 1_555 A DC  5 P     ? ? A CBR 4  A DC  5  1_555 ? ? ? ? ? ? ?            1.610 ? ? 
covale5  covale both ? B DG  2 "O3'" ? ? ? 1_555 B G49 3 P     ? ? B DG  8  B G49 9  1_555 ? ? ? ? ? ? ?            1.600 ? ? 
covale6  covale one  ? B G49 3 "O3'" ? ? ? 1_555 B CBR 4 P     ? ? B G49 9  B CBR 10 1_555 ? ? ? ? ? ? ?            1.603 ? ? 
covale7  covale none ? B G49 3 CM2   ? ? ? 1_555 D DM8 . "N3'" ? ? B G49 9  B DM8 13 1_555 ? ? ? ? ? ? ?            1.422 ? ? 
covale8  covale both ? B CBR 4 "O3'" ? ? ? 1_555 B DC  5 P     ? ? B CBR 10 B DC  11 1_555 ? ? ? ? ? ? ?            1.598 ? ? 
hydrog1  hydrog ?    ? A DC  1 N3    ? ? ? 1_555 B DG  6 N1    ? ? A DC  1  B DG  12 1_555 ? ? ? ? ? ? WATSON-CRICK ?     ? ? 
hydrog2  hydrog ?    ? A DC  1 N4    ? ? ? 1_555 B DG  6 O6    ? ? A DC  1  B DG  12 1_555 ? ? ? ? ? ? WATSON-CRICK ?     ? ? 
hydrog3  hydrog ?    ? A DC  1 O2    ? ? ? 1_555 B DG  6 N2    ? ? A DC  1  B DG  12 1_555 ? ? ? ? ? ? WATSON-CRICK ?     ? ? 
hydrog4  hydrog ?    ? A DG  2 N1    ? ? ? 1_555 B DC  5 N3    ? ? A DG  2  B DC  11 1_555 ? ? ? ? ? ? WATSON-CRICK ?     ? ? 
hydrog5  hydrog ?    ? A DG  2 N2    ? ? ? 1_555 B DC  5 O2    ? ? A DG  2  B DC  11 1_555 ? ? ? ? ? ? WATSON-CRICK ?     ? ? 
hydrog6  hydrog ?    ? A DG  2 O6    ? ? ? 1_555 B DC  5 N4    ? ? A DG  2  B DC  11 1_555 ? ? ? ? ? ? WATSON-CRICK ?     ? ? 
hydrog7  hydrog ?    ? A G49 3 N1    ? ? ? 1_555 B CBR 4 N3    ? ? A G49 3  B CBR 10 1_555 ? ? ? ? ? ? WATSON-CRICK ?     ? ? 
hydrog8  hydrog ?    ? A G49 3 N2    ? ? ? 1_555 B CBR 4 O2    ? ? A G49 3  B CBR 10 1_555 ? ? ? ? ? ? WATSON-CRICK ?     ? ? 
hydrog9  hydrog ?    ? A G49 3 O6    ? ? ? 1_555 B CBR 4 N4    ? ? A G49 3  B CBR 10 1_555 ? ? ? ? ? ? WATSON-CRICK ?     ? ? 
hydrog10 hydrog ?    ? A CBR 4 N3    ? ? ? 1_555 B G49 3 N1    ? ? A CBR 4  B G49 9  1_555 ? ? ? ? ? ? WATSON-CRICK ?     ? ? 
hydrog11 hydrog ?    ? A CBR 4 N4    ? ? ? 1_555 B G49 3 O6    ? ? A CBR 4  B G49 9  1_555 ? ? ? ? ? ? WATSON-CRICK ?     ? ? 
hydrog12 hydrog ?    ? A CBR 4 O2    ? ? ? 1_555 B G49 3 N2    ? ? A CBR 4  B G49 9  1_555 ? ? ? ? ? ? WATSON-CRICK ?     ? ? 
hydrog13 hydrog ?    ? A DC  5 N3    ? ? ? 1_555 B DG  2 N1    ? ? A DC  5  B DG  8  1_555 ? ? ? ? ? ? WATSON-CRICK ?     ? ? 
hydrog14 hydrog ?    ? A DC  5 N4    ? ? ? 1_555 B DG  2 O6    ? ? A DC  5  B DG  8  1_555 ? ? ? ? ? ? WATSON-CRICK ?     ? ? 
hydrog15 hydrog ?    ? A DC  5 O2    ? ? ? 1_555 B DG  2 N2    ? ? A DC  5  B DG  8  1_555 ? ? ? ? ? ? WATSON-CRICK ?     ? ? 
hydrog16 hydrog ?    ? A DG  6 N1    ? ? ? 1_555 B DC  1 N3    ? ? A DG  6  B DC  7  1_555 ? ? ? ? ? ? WATSON-CRICK ?     ? ? 
hydrog17 hydrog ?    ? A DG  6 N2    ? ? ? 1_555 B DC  1 O2    ? ? A DG  6  B DC  7  1_555 ? ? ? ? ? ? WATSON-CRICK ?     ? ? 
hydrog18 hydrog ?    ? A DG  6 O6    ? ? ? 1_555 B DC  1 N4    ? ? A DG  6  B DC  7  1_555 ? ? ? ? ? ? WATSON-CRICK ?     ? ? 
# 
loop_
_struct_conn_type.id 
_struct_conn_type.criteria 
_struct_conn_type.reference 
covale ? ? 
hydrog ? ? 
# 
loop_
_struct_site.id 
_struct_site.pdbx_evidence_code 
_struct_site.pdbx_auth_asym_id 
_struct_site.pdbx_auth_comp_id 
_struct_site.pdbx_auth_seq_id 
_struct_site.pdbx_auth_ins_code 
_struct_site.pdbx_num_residues 
_struct_site.details 
AC1 Software A DM8 7  ? 12 'BINDING SITE FOR RESIDUE DM8 A 7'  
AC2 Software B DM8 13 ? 7  'BINDING SITE FOR RESIDUE DM8 B 13' 
1   ?        ? ?   ?  ? ?  ?                                   
# 
loop_
_struct_site_gen.id 
_struct_site_gen.site_id 
_struct_site_gen.pdbx_num_res 
_struct_site_gen.label_comp_id 
_struct_site_gen.label_asym_id 
_struct_site_gen.label_seq_id 
_struct_site_gen.pdbx_auth_ins_code 
_struct_site_gen.auth_comp_id 
_struct_site_gen.auth_asym_id 
_struct_site_gen.auth_seq_id 
_struct_site_gen.label_atom_id 
_struct_site_gen.label_alt_id 
_struct_site_gen.symmetry 
_struct_site_gen.details 
1  AC1 12 DC  A 1 ? DC  A 1  . ? 1_555 ? 
2  AC1 12 DC  A 1 ? DC  A 1  . ? 3_554 ? 
3  AC1 12 DG  A 2 ? DG  A 2  . ? 1_555 ? 
4  AC1 12 G49 A 3 ? G49 A 3  . ? 1_555 ? 
5  AC1 12 CBR A 4 ? CBR A 4  . ? 1_555 ? 
6  AC1 12 DG  A 6 ? DG  A 6  . ? 6_455 ? 
7  AC1 12 HOH E . ? HOH A 18 . ? 1_555 ? 
8  AC1 12 DC  B 5 ? DC  B 11 . ? 1_555 ? 
9  AC1 12 DG  B 6 ? DG  B 12 . ? 4_455 ? 
10 AC1 12 DG  B 6 ? DG  B 12 . ? 1_555 ? 
11 AC1 12 HOH F . ? HOH B 23 . ? 1_555 ? 
12 AC1 12 HOH F . ? HOH B 36 . ? 4_455 ? 
13 AC2 7  DC  A 5 ? DC  A 5  . ? 1_555 ? 
14 AC2 7  DG  A 6 ? DG  A 6  . ? 1_555 ? 
15 AC2 7  DC  B 1 ? DC  B 7  . ? 1_555 ? 
16 AC2 7  DG  B 2 ? DG  B 8  . ? 1_555 ? 
17 AC2 7  G49 B 3 ? G49 B 9  . ? 1_555 ? 
18 AC2 7  CBR B 4 ? CBR B 10 . ? 1_555 ? 
19 AC2 7  HOH F . ? HOH B 46 . ? 1_555 ? 
# 
_pdbx_validate_planes.id              1 
_pdbx_validate_planes.PDB_model_num   1 
_pdbx_validate_planes.auth_comp_id    DC 
_pdbx_validate_planes.auth_asym_id    B 
_pdbx_validate_planes.auth_seq_id     11 
_pdbx_validate_planes.PDB_ins_code    ? 
_pdbx_validate_planes.label_alt_id    ? 
_pdbx_validate_planes.rmsd            0.096 
_pdbx_validate_planes.type            'SIDE CHAIN' 
# 
loop_
_pdbx_struct_mod_residue.id 
_pdbx_struct_mod_residue.label_asym_id 
_pdbx_struct_mod_residue.label_comp_id 
_pdbx_struct_mod_residue.label_seq_id 
_pdbx_struct_mod_residue.auth_asym_id 
_pdbx_struct_mod_residue.auth_comp_id 
_pdbx_struct_mod_residue.auth_seq_id 
_pdbx_struct_mod_residue.PDB_ins_code 
_pdbx_struct_mod_residue.parent_comp_id 
_pdbx_struct_mod_residue.details 
1 A G49 3 A G49 3  ? DG ? 
2 A CBR 4 A CBR 4  ? DC ? 
3 B G49 3 B G49 9  ? DG ? 
4 B CBR 4 B CBR 10 ? DC ? 
# 
_struct_site_keywords.site_id   1 
_struct_site_keywords.text      INTERCALATION 
# 
loop_
_chem_comp_atom.comp_id 
_chem_comp_atom.atom_id 
_chem_comp_atom.type_symbol 
_chem_comp_atom.pdbx_aromatic_flag 
_chem_comp_atom.pdbx_stereo_config 
_chem_comp_atom.pdbx_ordinal 
CBR BR     BR N N 1   
CBR P      P  N N 2   
CBR OP1    O  N N 3   
CBR OP2    O  N N 4   
CBR "O5'"  O  N N 5   
CBR N1     N  N N 6   
CBR C6     C  N N 7   
CBR C2     C  N N 8   
CBR O2     O  N N 9   
CBR N3     N  N N 10  
CBR C4     C  N N 11  
CBR N4     N  N N 12  
CBR C5     C  N N 13  
CBR "C2'"  C  N N 14  
CBR "C5'"  C  N N 15  
CBR "C4'"  C  N R 16  
CBR "O4'"  O  N N 17  
CBR "C1'"  C  N R 18  
CBR "C3'"  C  N S 19  
CBR "O3'"  O  N N 20  
CBR OP3    O  N N 21  
CBR HOP2   H  N N 22  
CBR H6     H  N N 23  
CBR H41    H  N N 24  
CBR H42    H  N N 25  
CBR "H2'"  H  N N 26  
CBR "H2''" H  N N 27  
CBR "H5'"  H  N N 28  
CBR "H5''" H  N N 29  
CBR "H4'"  H  N N 30  
CBR "H1'"  H  N N 31  
CBR "H3'"  H  N N 32  
CBR "HO3'" H  N N 33  
CBR HOP3   H  N N 34  
DC  OP3    O  N N 35  
DC  P      P  N N 36  
DC  OP1    O  N N 37  
DC  OP2    O  N N 38  
DC  "O5'"  O  N N 39  
DC  "C5'"  C  N N 40  
DC  "C4'"  C  N R 41  
DC  "O4'"  O  N N 42  
DC  "C3'"  C  N S 43  
DC  "O3'"  O  N N 44  
DC  "C2'"  C  N N 45  
DC  "C1'"  C  N R 46  
DC  N1     N  N N 47  
DC  C2     C  N N 48  
DC  O2     O  N N 49  
DC  N3     N  N N 50  
DC  C4     C  N N 51  
DC  N4     N  N N 52  
DC  C5     C  N N 53  
DC  C6     C  N N 54  
DC  HOP3   H  N N 55  
DC  HOP2   H  N N 56  
DC  "H5'"  H  N N 57  
DC  "H5''" H  N N 58  
DC  "H4'"  H  N N 59  
DC  "H3'"  H  N N 60  
DC  "HO3'" H  N N 61  
DC  "H2'"  H  N N 62  
DC  "H2''" H  N N 63  
DC  "H1'"  H  N N 64  
DC  H41    H  N N 65  
DC  H42    H  N N 66  
DC  H5     H  N N 67  
DC  H6     H  N N 68  
DG  OP3    O  N N 69  
DG  P      P  N N 70  
DG  OP1    O  N N 71  
DG  OP2    O  N N 72  
DG  "O5'"  O  N N 73  
DG  "C5'"  C  N N 74  
DG  "C4'"  C  N R 75  
DG  "O4'"  O  N N 76  
DG  "C3'"  C  N S 77  
DG  "O3'"  O  N N 78  
DG  "C2'"  C  N N 79  
DG  "C1'"  C  N R 80  
DG  N9     N  Y N 81  
DG  C8     C  Y N 82  
DG  N7     N  Y N 83  
DG  C5     C  Y N 84  
DG  C6     C  N N 85  
DG  O6     O  N N 86  
DG  N1     N  N N 87  
DG  C2     C  N N 88  
DG  N2     N  N N 89  
DG  N3     N  N N 90  
DG  C4     C  Y N 91  
DG  HOP3   H  N N 92  
DG  HOP2   H  N N 93  
DG  "H5'"  H  N N 94  
DG  "H5''" H  N N 95  
DG  "H4'"  H  N N 96  
DG  "H3'"  H  N N 97  
DG  "HO3'" H  N N 98  
DG  "H2'"  H  N N 99  
DG  "H2''" H  N N 100 
DG  "H1'"  H  N N 101 
DG  H8     H  N N 102 
DG  H1     H  N N 103 
DG  H21    H  N N 104 
DG  H22    H  N N 105 
DM8 C1     C  Y N 106 
DM8 C2     C  Y N 107 
DM8 C3     C  Y N 108 
DM8 C4     C  Y N 109 
DM8 C5     C  N N 110 
DM8 C6     C  Y N 111 
DM8 C7     C  N S 112 
DM8 C8     C  N N 113 
DM8 C9     C  N S 114 
DM8 C10    C  N N 115 
DM8 C11    C  Y N 116 
DM8 C12    C  N N 117 
DM8 C13    C  N N 118 
DM8 C14    C  N N 119 
DM8 C15    C  Y N 120 
DM8 C16    C  Y N 121 
DM8 C17    C  Y N 122 
DM8 C18    C  Y N 123 
DM8 C19    C  Y N 124 
DM8 C20    C  Y N 125 
DM8 C21    C  N N 126 
DM8 O4     O  N N 127 
DM8 O5     O  N N 128 
DM8 O6     O  N N 129 
DM8 O7     O  N N 130 
DM8 O9     O  N N 131 
DM8 O11    O  N N 132 
DM8 O12    O  N N 133 
DM8 O13    O  N N 134 
DM8 "C1'"  C  N R 135 
DM8 "C2'"  C  N R 136 
DM8 "C3'"  C  N R 137 
DM8 "C4'"  C  N R 138 
DM8 "C5'"  C  N S 139 
DM8 "C6'"  C  N N 140 
DM8 "O5'"  O  N N 141 
DM8 "O4'"  O  N N 142 
DM8 "N3'"  N  N N 143 
DM8 BR     BR N N 144 
DM8 H1     H  N N 145 
DM8 H2     H  N N 146 
DM8 H3     H  N N 147 
DM8 H7     H  N N 148 
DM8 H81    H  N N 149 
DM8 H82    H  N N 150 
DM8 H101   H  N N 151 
DM8 H102   H  N N 152 
DM8 H141   H  N N 153 
DM8 H142   H  N N 154 
DM8 H143   H  N N 155 
DM8 H211   H  N N 156 
DM8 H212   H  N N 157 
DM8 H213   H  N N 158 
DM8 H6     H  N N 159 
DM8 H9     H  N N 160 
DM8 H11    H  N N 161 
DM8 "H1'"  H  N N 162 
DM8 "H2'"  H  N N 163 
DM8 "H3'"  H  N N 164 
DM8 "H4'"  H  N N 165 
DM8 "H5'"  H  N N 166 
DM8 "H6'1" H  N N 167 
DM8 "H6'2" H  N N 168 
DM8 "H6'3" H  N N 169 
DM8 "HO4'" H  N N 170 
DM8 "HN'1" H  N N 171 
DM8 "HN'2" H  N N 172 
G49 P      P  N N 173 
G49 O1P    O  N N 174 
G49 O2P    O  N N 175 
G49 O3P    O  N N 176 
G49 "O5'"  O  N N 177 
G49 "C5'"  C  N N 178 
G49 "C4'"  C  N R 179 
G49 "O4'"  O  N N 180 
G49 "C3'"  C  N S 181 
G49 "O3'"  O  N N 182 
G49 "C2'"  C  N N 183 
G49 "C1'"  C  N R 184 
G49 N9     N  Y N 185 
G49 C8     C  Y N 186 
G49 N7     N  Y N 187 
G49 C5     C  Y N 188 
G49 C6     C  N N 189 
G49 O6     O  N N 190 
G49 N1     N  N N 191 
G49 C2     C  N N 192 
G49 N2     N  N N 193 
G49 CM2    C  N N 194 
G49 N3     N  N N 195 
G49 C4     C  Y N 196 
G49 H2P    H  N N 197 
G49 H3P    H  N N 198 
G49 "H5'1" H  N N 199 
G49 "H5'2" H  N N 200 
G49 "H4'"  H  N N 201 
G49 "H3'"  H  N N 202 
G49 HA     H  N N 203 
G49 "H2'1" H  N N 204 
G49 "H2'2" H  N N 205 
G49 "H1'"  H  N N 206 
G49 H8     H  N N 207 
G49 H1     H  N N 208 
G49 H2     H  N N 209 
G49 HM21   H  N N 210 
G49 HM22   H  N N 211 
G49 HM23   H  N N 212 
HOH O      O  N N 213 
HOH H1     H  N N 214 
HOH H2     H  N N 215 
# 
loop_
_chem_comp_bond.comp_id 
_chem_comp_bond.atom_id_1 
_chem_comp_bond.atom_id_2 
_chem_comp_bond.value_order 
_chem_comp_bond.pdbx_aromatic_flag 
_chem_comp_bond.pdbx_stereo_config 
_chem_comp_bond.pdbx_ordinal 
CBR BR    C5     sing N N 1   
CBR P     OP1    doub N N 2   
CBR P     OP2    sing N N 3   
CBR P     "O5'"  sing N N 4   
CBR P     OP3    sing N N 5   
CBR OP2   HOP2   sing N N 6   
CBR "O5'" "C5'"  sing N N 7   
CBR N1    C6     sing N N 8   
CBR N1    C2     sing N N 9   
CBR N1    "C1'"  sing N N 10  
CBR C6    C5     doub N N 11  
CBR C6    H6     sing N N 12  
CBR C2    O2     doub N N 13  
CBR C2    N3     sing N N 14  
CBR N3    C4     doub N N 15  
CBR C4    N4     sing N N 16  
CBR C4    C5     sing N N 17  
CBR N4    H41    sing N N 18  
CBR N4    H42    sing N N 19  
CBR "C2'" "C1'"  sing N N 20  
CBR "C2'" "C3'"  sing N N 21  
CBR "C2'" "H2'"  sing N N 22  
CBR "C2'" "H2''" sing N N 23  
CBR "C5'" "C4'"  sing N N 24  
CBR "C5'" "H5'"  sing N N 25  
CBR "C5'" "H5''" sing N N 26  
CBR "C4'" "O4'"  sing N N 27  
CBR "C4'" "C3'"  sing N N 28  
CBR "C4'" "H4'"  sing N N 29  
CBR "O4'" "C1'"  sing N N 30  
CBR "C1'" "H1'"  sing N N 31  
CBR "C3'" "O3'"  sing N N 32  
CBR "C3'" "H3'"  sing N N 33  
CBR "O3'" "HO3'" sing N N 34  
CBR OP3   HOP3   sing N N 35  
DC  OP3   P      sing N N 36  
DC  OP3   HOP3   sing N N 37  
DC  P     OP1    doub N N 38  
DC  P     OP2    sing N N 39  
DC  P     "O5'"  sing N N 40  
DC  OP2   HOP2   sing N N 41  
DC  "O5'" "C5'"  sing N N 42  
DC  "C5'" "C4'"  sing N N 43  
DC  "C5'" "H5'"  sing N N 44  
DC  "C5'" "H5''" sing N N 45  
DC  "C4'" "O4'"  sing N N 46  
DC  "C4'" "C3'"  sing N N 47  
DC  "C4'" "H4'"  sing N N 48  
DC  "O4'" "C1'"  sing N N 49  
DC  "C3'" "O3'"  sing N N 50  
DC  "C3'" "C2'"  sing N N 51  
DC  "C3'" "H3'"  sing N N 52  
DC  "O3'" "HO3'" sing N N 53  
DC  "C2'" "C1'"  sing N N 54  
DC  "C2'" "H2'"  sing N N 55  
DC  "C2'" "H2''" sing N N 56  
DC  "C1'" N1     sing N N 57  
DC  "C1'" "H1'"  sing N N 58  
DC  N1    C2     sing N N 59  
DC  N1    C6     sing N N 60  
DC  C2    O2     doub N N 61  
DC  C2    N3     sing N N 62  
DC  N3    C4     doub N N 63  
DC  C4    N4     sing N N 64  
DC  C4    C5     sing N N 65  
DC  N4    H41    sing N N 66  
DC  N4    H42    sing N N 67  
DC  C5    C6     doub N N 68  
DC  C5    H5     sing N N 69  
DC  C6    H6     sing N N 70  
DG  OP3   P      sing N N 71  
DG  OP3   HOP3   sing N N 72  
DG  P     OP1    doub N N 73  
DG  P     OP2    sing N N 74  
DG  P     "O5'"  sing N N 75  
DG  OP2   HOP2   sing N N 76  
DG  "O5'" "C5'"  sing N N 77  
DG  "C5'" "C4'"  sing N N 78  
DG  "C5'" "H5'"  sing N N 79  
DG  "C5'" "H5''" sing N N 80  
DG  "C4'" "O4'"  sing N N 81  
DG  "C4'" "C3'"  sing N N 82  
DG  "C4'" "H4'"  sing N N 83  
DG  "O4'" "C1'"  sing N N 84  
DG  "C3'" "O3'"  sing N N 85  
DG  "C3'" "C2'"  sing N N 86  
DG  "C3'" "H3'"  sing N N 87  
DG  "O3'" "HO3'" sing N N 88  
DG  "C2'" "C1'"  sing N N 89  
DG  "C2'" "H2'"  sing N N 90  
DG  "C2'" "H2''" sing N N 91  
DG  "C1'" N9     sing N N 92  
DG  "C1'" "H1'"  sing N N 93  
DG  N9    C8     sing Y N 94  
DG  N9    C4     sing Y N 95  
DG  C8    N7     doub Y N 96  
DG  C8    H8     sing N N 97  
DG  N7    C5     sing Y N 98  
DG  C5    C6     sing N N 99  
DG  C5    C4     doub Y N 100 
DG  C6    O6     doub N N 101 
DG  C6    N1     sing N N 102 
DG  N1    C2     sing N N 103 
DG  N1    H1     sing N N 104 
DG  C2    N2     sing N N 105 
DG  C2    N3     doub N N 106 
DG  N2    H21    sing N N 107 
DG  N2    H22    sing N N 108 
DG  N3    C4     sing N N 109 
DM8 C1    C2     doub Y N 110 
DM8 C1    C15    sing Y N 111 
DM8 C1    H1     sing N N 112 
DM8 C2    C3     sing Y N 113 
DM8 C2    H2     sing N N 114 
DM8 C3    C4     doub Y N 115 
DM8 C3    H3     sing N N 116 
DM8 C4    C16    sing Y N 117 
DM8 C4    O4     sing N N 118 
DM8 C5    C16    sing N N 119 
DM8 C5    C17    sing N N 120 
DM8 C5    O5     doub N N 121 
DM8 C6    C17    doub Y N 122 
DM8 C6    C20    sing Y N 123 
DM8 C6    O6     sing N N 124 
DM8 C7    C8     sing N N 125 
DM8 C7    C20    sing N N 126 
DM8 C7    O7     sing N N 127 
DM8 C7    H7     sing N N 128 
DM8 C8    C9     sing N N 129 
DM8 C8    H81    sing N N 130 
DM8 C8    H82    sing N N 131 
DM8 C9    C10    sing N N 132 
DM8 C9    C13    sing N N 133 
DM8 C9    O9     sing N N 134 
DM8 C10   C19    sing N N 135 
DM8 C10   H101   sing N N 136 
DM8 C10   H102   sing N N 137 
DM8 C11   C18    doub Y N 138 
DM8 C11   C19    sing Y N 139 
DM8 C11   O11    sing N N 140 
DM8 C12   C15    sing N N 141 
DM8 C12   C18    sing N N 142 
DM8 C12   O12    doub N N 143 
DM8 C13   C14    sing N N 144 
DM8 C13   O13    doub N N 145 
DM8 C14   H141   sing N N 146 
DM8 C14   H142   sing N N 147 
DM8 C14   H143   sing N N 148 
DM8 C15   C16    doub Y N 149 
DM8 C17   C18    sing Y N 150 
DM8 C19   C20    doub Y N 151 
DM8 C21   O4     sing N N 152 
DM8 C21   H211   sing N N 153 
DM8 C21   H212   sing N N 154 
DM8 C21   H213   sing N N 155 
DM8 O6    H6     sing N N 156 
DM8 O7    "C1'"  sing N N 157 
DM8 O9    H9     sing N N 158 
DM8 O11   H11    sing N N 159 
DM8 "C1'" "C2'"  sing N N 160 
DM8 "C1'" "O5'"  sing N N 161 
DM8 "C1'" "H1'"  sing N N 162 
DM8 "C2'" "C3'"  sing N N 163 
DM8 "C2'" BR     sing N N 164 
DM8 "C2'" "H2'"  sing N N 165 
DM8 "C3'" "C4'"  sing N N 166 
DM8 "C3'" "N3'"  sing N N 167 
DM8 "C3'" "H3'"  sing N N 168 
DM8 "C4'" "C5'"  sing N N 169 
DM8 "C4'" "O4'"  sing N N 170 
DM8 "C4'" "H4'"  sing N N 171 
DM8 "C5'" "C6'"  sing N N 172 
DM8 "C5'" "O5'"  sing N N 173 
DM8 "C5'" "H5'"  sing N N 174 
DM8 "C6'" "H6'1" sing N N 175 
DM8 "C6'" "H6'2" sing N N 176 
DM8 "C6'" "H6'3" sing N N 177 
DM8 "O4'" "HO4'" sing N N 178 
DM8 "N3'" "HN'1" sing N N 179 
DM8 "N3'" "HN'2" sing N N 180 
G49 P     O1P    doub N N 181 
G49 P     O2P    sing N N 182 
G49 P     O3P    sing N N 183 
G49 P     "O5'"  sing N N 184 
G49 O2P   H2P    sing N N 185 
G49 O3P   H3P    sing N N 186 
G49 "O5'" "C5'"  sing N N 187 
G49 "C5'" "C4'"  sing N N 188 
G49 "C5'" "H5'1" sing N N 189 
G49 "C5'" "H5'2" sing N N 190 
G49 "C4'" "O4'"  sing N N 191 
G49 "C4'" "C3'"  sing N N 192 
G49 "C4'" "H4'"  sing N N 193 
G49 "O4'" "C1'"  sing N N 194 
G49 "C3'" "O3'"  sing N N 195 
G49 "C3'" "C2'"  sing N N 196 
G49 "C3'" "H3'"  sing N N 197 
G49 "O3'" HA     sing N N 198 
G49 "C2'" "C1'"  sing N N 199 
G49 "C2'" "H2'1" sing N N 200 
G49 "C2'" "H2'2" sing N N 201 
G49 "C1'" N9     sing N N 202 
G49 "C1'" "H1'"  sing N N 203 
G49 N9    C8     sing Y N 204 
G49 N9    C4     sing Y N 205 
G49 C8    N7     doub Y N 206 
G49 C8    H8     sing N N 207 
G49 N7    C5     sing Y N 208 
G49 C5    C6     sing N N 209 
G49 C5    C4     doub Y N 210 
G49 C6    O6     doub N N 211 
G49 C6    N1     sing N N 212 
G49 N1    C2     sing N N 213 
G49 N1    H1     sing N N 214 
G49 C2    N2     sing N N 215 
G49 C2    N3     doub N N 216 
G49 N2    CM2    sing N N 217 
G49 N2    H2     sing N N 218 
G49 CM2   HM21   sing N N 219 
G49 CM2   HM22   sing N N 220 
G49 CM2   HM23   sing N N 221 
G49 N3    C4     sing N N 222 
HOH O     H1     sing N N 223 
HOH O     H2     sing N N 224 
# 
_ndb_struct_conf_na.entry_id   380D 
_ndb_struct_conf_na.feature    'b-form double helix' 
# 
loop_
_ndb_struct_na_base_pair.model_number 
_ndb_struct_na_base_pair.i_label_asym_id 
_ndb_struct_na_base_pair.i_label_comp_id 
_ndb_struct_na_base_pair.i_label_seq_id 
_ndb_struct_na_base_pair.i_symmetry 
_ndb_struct_na_base_pair.j_label_asym_id 
_ndb_struct_na_base_pair.j_label_comp_id 
_ndb_struct_na_base_pair.j_label_seq_id 
_ndb_struct_na_base_pair.j_symmetry 
_ndb_struct_na_base_pair.shear 
_ndb_struct_na_base_pair.stretch 
_ndb_struct_na_base_pair.stagger 
_ndb_struct_na_base_pair.buckle 
_ndb_struct_na_base_pair.propeller 
_ndb_struct_na_base_pair.opening 
_ndb_struct_na_base_pair.pair_number 
_ndb_struct_na_base_pair.pair_name 
_ndb_struct_na_base_pair.i_auth_asym_id 
_ndb_struct_na_base_pair.i_auth_seq_id 
_ndb_struct_na_base_pair.i_PDB_ins_code 
_ndb_struct_na_base_pair.j_auth_asym_id 
_ndb_struct_na_base_pair.j_auth_seq_id 
_ndb_struct_na_base_pair.j_PDB_ins_code 
_ndb_struct_na_base_pair.hbond_type_28 
_ndb_struct_na_base_pair.hbond_type_12 
1 A DC  1 1_555 B DG  6 1_555 0.412  -0.181 -0.091 8.443   -0.526 -3.206 1 A_DC1:DG12_B   A 1 ? B 12 ? 19 1 
1 A DG  2 1_555 B DC  5 1_555 -0.299 -0.223 -0.266 -11.083 5.491  1.023  2 A_DG2:DC11_B   A 2 ? B 11 ? 19 1 
1 A G49 3 1_555 B CBR 4 1_555 -0.246 -0.118 0.157  -3.549  -4.757 -0.377 3 A_G493:CBR10_B A 3 ? B 10 ? 19 1 
1 A CBR 4 1_555 B G49 3 1_555 0.228  -0.091 0.072  5.293   -6.882 -2.112 4 A_CBR4:G499_B  A 4 ? B 9  ? 19 1 
1 A DC  5 1_555 B DG  2 1_555 0.159  -0.087 -0.504 18.930  5.188  2.866  5 A_DC5:DG8_B    A 5 ? B 8  ? 19 1 
1 A DG  6 1_555 B DC  1 1_555 -0.346 -0.219 -0.130 -6.668  4.864  -0.332 6 A_DG6:DC7_B    A 6 ? B 7  ? 19 1 
# 
loop_
_ndb_struct_na_base_pair_step.model_number 
_ndb_struct_na_base_pair_step.i_label_asym_id_1 
_ndb_struct_na_base_pair_step.i_label_comp_id_1 
_ndb_struct_na_base_pair_step.i_label_seq_id_1 
_ndb_struct_na_base_pair_step.i_symmetry_1 
_ndb_struct_na_base_pair_step.j_label_asym_id_1 
_ndb_struct_na_base_pair_step.j_label_comp_id_1 
_ndb_struct_na_base_pair_step.j_label_seq_id_1 
_ndb_struct_na_base_pair_step.j_symmetry_1 
_ndb_struct_na_base_pair_step.i_label_asym_id_2 
_ndb_struct_na_base_pair_step.i_label_comp_id_2 
_ndb_struct_na_base_pair_step.i_label_seq_id_2 
_ndb_struct_na_base_pair_step.i_symmetry_2 
_ndb_struct_na_base_pair_step.j_label_asym_id_2 
_ndb_struct_na_base_pair_step.j_label_comp_id_2 
_ndb_struct_na_base_pair_step.j_label_seq_id_2 
_ndb_struct_na_base_pair_step.j_symmetry_2 
_ndb_struct_na_base_pair_step.shift 
_ndb_struct_na_base_pair_step.slide 
_ndb_struct_na_base_pair_step.rise 
_ndb_struct_na_base_pair_step.tilt 
_ndb_struct_na_base_pair_step.roll 
_ndb_struct_na_base_pair_step.twist 
_ndb_struct_na_base_pair_step.x_displacement 
_ndb_struct_na_base_pair_step.y_displacement 
_ndb_struct_na_base_pair_step.helical_rise 
_ndb_struct_na_base_pair_step.inclination 
_ndb_struct_na_base_pair_step.tip 
_ndb_struct_na_base_pair_step.helical_twist 
_ndb_struct_na_base_pair_step.step_number 
_ndb_struct_na_base_pair_step.step_name 
_ndb_struct_na_base_pair_step.i_auth_asym_id_1 
_ndb_struct_na_base_pair_step.i_auth_seq_id_1 
_ndb_struct_na_base_pair_step.i_PDB_ins_code_1 
_ndb_struct_na_base_pair_step.j_auth_asym_id_1 
_ndb_struct_na_base_pair_step.j_auth_seq_id_1 
_ndb_struct_na_base_pair_step.j_PDB_ins_code_1 
_ndb_struct_na_base_pair_step.i_auth_asym_id_2 
_ndb_struct_na_base_pair_step.i_auth_seq_id_2 
_ndb_struct_na_base_pair_step.i_PDB_ins_code_2 
_ndb_struct_na_base_pair_step.j_auth_asym_id_2 
_ndb_struct_na_base_pair_step.j_auth_seq_id_2 
_ndb_struct_na_base_pair_step.j_PDB_ins_code_2 
1 A DC  1 1_555 B DG  6 1_555 A DG  2 1_555 B DC  5 1_555 1.257  1.271  6.930 0.686  -4.677 32.428 3.941  -1.982 6.710 -8.319 
-1.220  32.762 1 AA_DC1DG2:DC11DG12_BB    A 1 ? B 12 ? A 2 ? B 11 ? 
1 A DG  2 1_555 B DC  5 1_555 A G49 3 1_555 B CBR 4 1_555 -1.471 0.835  3.278 -5.418 1.061  32.884 1.272  1.625  3.493 1.858  
9.487   33.332 2 AA_DG2G493:CBR10DC11_BB  A 2 ? B 11 ? A 3 ? B 10 ? 
1 A G49 3 1_555 B CBR 4 1_555 A CBR 4 1_555 B G49 3 1_555 0.008  -0.658 3.191 1.174  0.660  33.312 -1.254 0.177  3.176 1.151  
-2.048  33.338 3 AA_G493CBR4:G499CBR10_BB A 3 ? B 10 ? A 4 ? B 9  ? 
1 A CBR 4 1_555 B G49 3 1_555 A DC  5 1_555 B DG  2 1_555 1.540  0.854  3.030 7.249  1.790  31.927 1.210  -1.501 3.331 3.199  
-12.958 32.766 4 AA_CBR4DC5:DG8G499_BB    A 4 ? B 9  ? A 5 ? B 8  ? 
1 A DC  5 1_555 B DG  2 1_555 A DG  6 1_555 B DC  1 1_555 -1.104 1.289  7.102 -4.054 -4.294 32.356 3.869  0.449  6.961 -7.627 
7.200   32.876 5 AA_DC5DG6:DC7DG8_BB      A 5 ? B 8  ? A 6 ? B 7  ? 
# 
_atom_sites.entry_id                    380D 
_atom_sites.fract_transf_matrix[1][1]   -0.00660380 
_atom_sites.fract_transf_matrix[1][2]   0.02537225 
_atom_sites.fract_transf_matrix[1][3]   -0.00583938 
_atom_sites.fract_transf_matrix[2][1]   -0.00718737 
_atom_sites.fract_transf_matrix[2][2]   0.00401359 
_atom_sites.fract_transf_matrix[2][3]   0.02556741 
_atom_sites.fract_transf_matrix[3][1]   0.01503571 
_atom_sites.fract_transf_matrix[3][2]   0.00471585 
_atom_sites.fract_transf_matrix[3][3]   0.00348646 
_atom_sites.fract_transf_vector[1]      0.196318 
_atom_sites.fract_transf_vector[2]      0.313449 
_atom_sites.fract_transf_vector[3]      0.235868 
# 
loop_
_atom_type.symbol 
BR 
C  
N  
O  
P  
# 
loop_
_atom_site.group_PDB 
_atom_site.id 
_atom_site.type_symbol 
_atom_site.label_atom_id 
_atom_site.label_alt_id 
_atom_site.label_comp_id 
_atom_site.label_asym_id 
_atom_site.label_entity_id 
_atom_site.label_seq_id 
_atom_site.pdbx_PDB_ins_code 
_atom_site.Cartn_x 
_atom_site.Cartn_y 
_atom_site.Cartn_z 
_atom_site.occupancy 
_atom_site.B_iso_or_equiv 
_atom_site.pdbx_formal_charge 
_atom_site.auth_seq_id 
_atom_site.auth_comp_id 
_atom_site.auth_asym_id 
_atom_site.auth_atom_id 
_atom_site.pdbx_PDB_model_num 
ATOM   1   O  "O5'" . DC  A 1 1 ? 8.936  -9.546  7.344   1.00 35.69 ? 1  DC  A "O5'" 1 
ATOM   2   C  "C5'" . DC  A 1 1 ? 8.024  -8.851  6.489   1.00 26.36 ? 1  DC  A "C5'" 1 
ATOM   3   C  "C4'" . DC  A 1 1 ? 6.731  -9.621  6.388   1.00 25.05 ? 1  DC  A "C4'" 1 
ATOM   4   O  "O4'" . DC  A 1 1 ? 5.931  -9.365  7.560   1.00 20.84 ? 1  DC  A "O4'" 1 
ATOM   5   C  "C3'" . DC  A 1 1 ? 5.856  -9.252  5.194   1.00 24.32 ? 1  DC  A "C3'" 1 
ATOM   6   O  "O3'" . DC  A 1 1 ? 5.195  -10.415 4.716   1.00 28.74 ? 1  DC  A "O3'" 1 
ATOM   7   C  "C2'" . DC  A 1 1 ? 4.831  -8.306  5.780   1.00 20.64 ? 1  DC  A "C2'" 1 
ATOM   8   C  "C1'" . DC  A 1 1 ? 4.678  -8.817  7.198   1.00 18.01 ? 1  DC  A "C1'" 1 
ATOM   9   N  N1    . DC  A 1 1 ? 4.390  -7.728  8.131   1.00 14.33 ? 1  DC  A N1    1 
ATOM   10  C  C2    . DC  A 1 1 ? 3.069  -7.473  8.469   1.00 12.21 ? 1  DC  A C2    1 
ATOM   11  O  O2    . DC  A 1 1 ? 2.186  -8.218  8.029   1.00 12.13 ? 1  DC  A O2    1 
ATOM   12  N  N3    . DC  A 1 1 ? 2.786  -6.426  9.270   1.00 11.88 ? 1  DC  A N3    1 
ATOM   13  C  C4    . DC  A 1 1 ? 3.775  -5.660  9.742   1.00 10.79 ? 1  DC  A C4    1 
ATOM   14  N  N4    . DC  A 1 1 ? 3.446  -4.627  10.518  1.00 10.12 ? 1  DC  A N4    1 
ATOM   15  C  C5    . DC  A 1 1 ? 5.137  -5.919  9.437   1.00 11.38 ? 1  DC  A C5    1 
ATOM   16  C  C6    . DC  A 1 1 ? 5.400  -6.954  8.637   1.00 12.64 ? 1  DC  A C6    1 
ATOM   17  P  P     . DG  A 1 2 ? 5.418  -10.883 3.198   1.00 29.53 ? 2  DG  A P     1 
ATOM   18  O  OP1   . DG  A 1 2 ? 4.967  -12.293 3.102   1.00 33.43 ? 2  DG  A OP1   1 
ATOM   19  O  OP2   . DG  A 1 2 ? 6.804  -10.518 2.794   1.00 31.95 ? 2  DG  A OP2   1 
ATOM   20  O  "O5'" . DG  A 1 2 ? 4.420  -9.973  2.354   1.00 28.32 ? 2  DG  A "O5'" 1 
ATOM   21  C  "C5'" . DG  A 1 2 ? 3.000  -10.163 2.421   1.00 20.15 ? 2  DG  A "C5'" 1 
ATOM   22  C  "C4'" . DG  A 1 2 ? 2.306  -9.065  1.655   1.00 17.29 ? 2  DG  A "C4'" 1 
ATOM   23  O  "O4'" . DG  A 1 2 ? 2.418  -7.819  2.385   1.00 14.66 ? 2  DG  A "O4'" 1 
ATOM   24  C  "C3'" . DG  A 1 2 ? 2.906  -8.794  0.270   1.00 16.66 ? 2  DG  A "C3'" 1 
ATOM   25  O  "O3'" . DG  A 1 2 ? 1.858  -8.458  -0.625  1.00 18.46 ? 2  DG  A "O3'" 1 
ATOM   26  C  "C2'" . DG  A 1 2 ? 3.713  -7.534  0.491   1.00 14.34 ? 2  DG  A "C2'" 1 
ATOM   27  C  "C1'" . DG  A 1 2 ? 2.788  -6.826  1.454   1.00 14.49 ? 2  DG  A "C1'" 1 
ATOM   28  N  N9    . DG  A 1 2 ? 3.380  -5.711  2.180   1.00 13.44 ? 2  DG  A N9    1 
ATOM   29  C  C8    . DG  A 1 2 ? 4.716  -5.466  2.381   1.00 14.83 ? 2  DG  A C8    1 
ATOM   30  N  N7    . DG  A 1 2 ? 4.939  -4.343  3.011   1.00 11.53 ? 2  DG  A N7    1 
ATOM   31  C  C5    . DG  A 1 2 ? 3.672  -3.831  3.249   1.00 10.61 ? 2  DG  A C5    1 
ATOM   32  C  C6    . DG  A 1 2 ? 3.275  -2.645  3.884   1.00 9.57  ? 2  DG  A C6    1 
ATOM   33  O  O6    . DG  A 1 2 ? 3.983  -1.764  4.380   1.00 11.55 ? 2  DG  A O6    1 
ATOM   34  N  N1    . DG  A 1 2 ? 1.896  -2.527  3.919   1.00 7.95  ? 2  DG  A N1    1 
ATOM   35  C  C2    . DG  A 1 2 ? 1.017  -3.437  3.412   1.00 4.57  ? 2  DG  A C2    1 
ATOM   36  N  N2    . DG  A 1 2 ? -0.275 -3.161  3.570   1.00 6.53  ? 2  DG  A N2    1 
ATOM   37  N  N3    . DG  A 1 2 ? 1.372  -4.540  2.809   1.00 7.32  ? 2  DG  A N3    1 
ATOM   38  C  C4    . DG  A 1 2 ? 2.703  -4.675  2.761   1.00 10.41 ? 2  DG  A C4    1 
HETATM 39  P  P     . G49 A 1 3 ? 1.602  -9.337  -1.927  1.00 15.40 ? 3  G49 A P     1 
HETATM 40  O  O1P   . G49 A 1 3 ? 1.678  -10.767 -1.540  1.00 20.13 ? 3  G49 A O1P   1 
HETATM 41  O  O2P   . G49 A 1 3 ? 2.488  -8.811  -2.982  1.00 18.49 ? 3  G49 A O2P   1 
HETATM 42  O  "O5'" . G49 A 1 3 ? 0.089  -8.989  -2.280  1.00 18.21 ? 3  G49 A "O5'" 1 
HETATM 43  C  "C5'" . G49 A 1 3 ? -0.968 -9.337  -1.357  1.00 18.75 ? 3  G49 A "C5'" 1 
HETATM 44  C  "C4'" . G49 A 1 3 ? -2.034 -8.264  -1.323  1.00 15.92 ? 3  G49 A "C4'" 1 
HETATM 45  O  "O4'" . G49 A 1 3 ? -1.591 -7.127  -0.554  1.00 15.85 ? 3  G49 A "O4'" 1 
HETATM 46  C  "C3'" . G49 A 1 3 ? -2.468 -7.721  -2.679  1.00 16.44 ? 3  G49 A "C3'" 1 
HETATM 47  O  "O3'" . G49 A 1 3 ? -3.891 -7.612  -2.691  1.00 16.21 ? 3  G49 A "O3'" 1 
HETATM 48  C  "C2'" . G49 A 1 3 ? -1.803 -6.355  -2.755  1.00 15.15 ? 3  G49 A "C2'" 1 
HETATM 49  C  "C1'" . G49 A 1 3 ? -1.709 -5.930  -1.306  1.00 12.97 ? 3  G49 A "C1'" 1 
HETATM 50  N  N9    . G49 A 1 3 ? -0.519 -5.133  -1.034  1.00 13.47 ? 3  G49 A N9    1 
HETATM 51  C  C8    . G49 A 1 3 ? 0.782  -5.482  -1.311  1.00 11.79 ? 3  G49 A C8    1 
HETATM 52  N  N7    . G49 A 1 3 ? 1.646  -4.574  -0.945  1.00 11.55 ? 3  G49 A N7    1 
HETATM 53  C  C5    . G49 A 1 3 ? 0.868  -3.564  -0.397  1.00 10.44 ? 3  G49 A C5    1 
HETATM 54  C  C6    . G49 A 1 3 ? 1.245  -2.327  0.175   1.00 10.37 ? 3  G49 A C6    1 
HETATM 55  O  O6    . G49 A 1 3 ? 2.380  -1.870  0.338   1.00 11.91 ? 3  G49 A O6    1 
HETATM 56  N  N1    . G49 A 1 3 ? 0.141  -1.595  0.595   1.00 11.53 ? 3  G49 A N1    1 
HETATM 57  C  C2    . G49 A 1 3 ? -1.162 -2.008  0.494   1.00 10.54 ? 3  G49 A C2    1 
HETATM 58  N  N2    . G49 A 1 3 ? -2.077 -1.146  0.950   1.00 11.53 ? 3  G49 A N2    1 
HETATM 59  C  CM2   . G49 A 1 3 ? -3.521 -1.211  0.829   1.00 10.00 ? 3  G49 A CM2   1 
HETATM 60  N  N3    . G49 A 1 3 ? -1.535 -3.171  -0.020  1.00 13.35 ? 3  G49 A N3    1 
HETATM 61  C  C4    . G49 A 1 3 ? -0.471 -3.894  -0.447  1.00 11.74 ? 3  G49 A C4    1 
HETATM 62  BR BR    . CBR A 1 4 ? 0.759  -3.917  -4.673  1.00 27.69 ? 4  CBR A BR    1 
HETATM 63  P  P     . CBR A 1 4 ? -4.640 -7.061  -3.995  1.00 17.60 ? 4  CBR A P     1 
HETATM 64  O  OP1   . CBR A 1 4 ? -6.008 -7.636  -3.950  1.00 18.76 ? 4  CBR A OP1   1 
HETATM 65  O  OP2   . CBR A 1 4 ? -3.793 -7.282  -5.189  1.00 17.54 ? 4  CBR A OP2   1 
HETATM 66  O  "O5'" . CBR A 1 4 ? -4.702 -5.486  -3.761  1.00 18.12 ? 4  CBR A "O5'" 1 
HETATM 67  N  N1    . CBR A 1 4 ? -2.344 -1.725  -3.250  1.00 14.50 ? 4  CBR A N1    1 
HETATM 68  C  C6    . CBR A 1 4 ? -1.589 -2.667  -3.893  1.00 14.95 ? 4  CBR A C6    1 
HETATM 69  C  C2    . CBR A 1 4 ? -1.733 -0.649  -2.605  1.00 14.25 ? 4  CBR A C2    1 
HETATM 70  O  O2    . CBR A 1 4 ? -2.445 0.188   -2.041  1.00 12.97 ? 4  CBR A O2    1 
HETATM 71  N  N3    . CBR A 1 4 ? -0.379 -0.554  -2.605  1.00 14.14 ? 4  CBR A N3    1 
HETATM 72  C  C4    . CBR A 1 4 ? 0.351  -1.493  -3.210  1.00 14.24 ? 4  CBR A C4    1 
HETATM 73  N  N4    . CBR A 1 4 ? 1.680  -1.374  -3.151  1.00 13.23 ? 4  CBR A N4    1 
HETATM 74  C  C5    . CBR A 1 4 ? -0.250 -2.594  -3.891  1.00 15.40 ? 4  CBR A C5    1 
HETATM 75  C  "C2'" . CBR A 1 4 ? -4.506 -2.121  -4.506  1.00 16.95 ? 4  CBR A "C2'" 1 
HETATM 76  C  "C5'" . CBR A 1 4 ? -5.419 -4.936  -2.642  1.00 16.75 ? 4  CBR A "C5'" 1 
HETATM 77  C  "C4'" . CBR A 1 4 ? -5.425 -3.426  -2.702  1.00 16.30 ? 4  CBR A "C4'" 1 
HETATM 78  O  "O4'" . CBR A 1 4 ? -4.113 -2.931  -2.363  1.00 15.97 ? 4  CBR A "O4'" 1 
HETATM 79  C  "C1'" . CBR A 1 4 ? -3.805 -1.832  -3.191  1.00 16.53 ? 4  CBR A "C1'" 1 
HETATM 80  C  "C3'" . CBR A 1 4 ? -5.796 -2.789  -4.050  1.00 16.96 ? 4  CBR A "C3'" 1 
HETATM 81  O  "O3'" . CBR A 1 4 ? -6.824 -1.805  -3.845  1.00 19.11 ? 4  CBR A "O3'" 1 
ATOM   82  P  P     . DC  A 1 5 ? -7.794 -1.378  -5.058  1.00 17.20 ? 5  DC  A P     1 
ATOM   83  O  OP1   . DC  A 1 5 ? -9.106 -1.017  -4.480  1.00 23.61 ? 5  DC  A OP1   1 
ATOM   84  O  OP2   . DC  A 1 5 ? -7.725 -2.385  -6.127  1.00 20.09 ? 5  DC  A OP2   1 
ATOM   85  O  "O5'" . DC  A 1 5 ? -7.124 -0.042  -5.602  1.00 19.07 ? 5  DC  A "O5'" 1 
ATOM   86  C  "C5'" . DC  A 1 5 ? -7.079 1.133   -4.786  1.00 14.39 ? 5  DC  A "C5'" 1 
ATOM   87  C  "C4'" . DC  A 1 5 ? -6.099 2.124   -5.361  1.00 14.95 ? 5  DC  A "C4'" 1 
ATOM   88  O  "O4'" . DC  A 1 5 ? -4.760 1.626   -5.147  1.00 14.50 ? 5  DC  A "O4'" 1 
ATOM   89  C  "C3'" . DC  A 1 5 ? -6.227 2.360   -6.874  1.00 14.85 ? 5  DC  A "C3'" 1 
ATOM   90  O  "O3'" . DC  A 1 5 ? -6.075 3.754   -7.158  1.00 17.58 ? 5  DC  A "O3'" 1 
ATOM   91  C  "C2'" . DC  A 1 5 ? -5.022 1.638   -7.442  1.00 11.52 ? 5  DC  A "C2'" 1 
ATOM   92  C  "C1'" . DC  A 1 5 ? -4.035 1.880   -6.330  1.00 11.86 ? 5  DC  A "C1'" 1 
ATOM   93  N  N1    . DC  A 1 5 ? -2.871 0.999   -6.349  1.00 10.75 ? 5  DC  A N1    1 
ATOM   94  C  C2    . DC  A 1 5 ? -1.717 1.390   -5.654  1.00 11.51 ? 5  DC  A C2    1 
ATOM   95  O  O2    . DC  A 1 5 ? -1.752 2.407   -4.940  1.00 12.84 ? 5  DC  A O2    1 
ATOM   96  N  N3    . DC  A 1 5 ? -0.594 0.646   -5.769  1.00 12.48 ? 5  DC  A N3    1 
ATOM   97  C  C4    . DC  A 1 5 ? -0.604 -0.460  -6.520  1.00 12.17 ? 5  DC  A C4    1 
ATOM   98  N  N4    . DC  A 1 5 ? 0.544  -1.120  -6.667  1.00 12.07 ? 5  DC  A N4    1 
ATOM   99  C  C5    . DC  A 1 5 ? -1.789 -0.923  -7.175  1.00 12.94 ? 5  DC  A C5    1 
ATOM   100 C  C6    . DC  A 1 5 ? -2.890 -0.165  -7.064  1.00 10.97 ? 5  DC  A C6    1 
ATOM   101 P  P     . DG  A 1 6 ? -7.283 4.580   -7.819  1.00 19.87 ? 6  DG  A P     1 
ATOM   102 O  OP1   . DG  A 1 6 ? -8.453 4.489   -6.918  1.00 22.99 ? 6  DG  A OP1   1 
ATOM   103 O  OP2   . DG  A 1 6 ? -7.417 4.187   -9.242  1.00 19.99 ? 6  DG  A OP2   1 
ATOM   104 O  "O5'" . DG  A 1 6 ? -6.762 6.085   -7.799  1.00 19.83 ? 6  DG  A "O5'" 1 
ATOM   105 C  "C5'" . DG  A 1 6 ? -6.551 6.781   -6.550  1.00 16.59 ? 6  DG  A "C5'" 1 
ATOM   106 C  "C4'" . DG  A 1 6 ? -5.786 8.065   -6.785  1.00 14.60 ? 6  DG  A "C4'" 1 
ATOM   107 O  "O4'" . DG  A 1 6 ? -4.449 7.763   -7.233  1.00 12.15 ? 6  DG  A "O4'" 1 
ATOM   108 C  "C3'" . DG  A 1 6 ? -6.373 9.002   -7.840  1.00 15.26 ? 6  DG  A "C3'" 1 
ATOM   109 O  "O3'" . DG  A 1 6 ? -6.081 10.342  -7.456  1.00 18.03 ? 6  DG  A "O3'" 1 
ATOM   110 C  "C2'" . DG  A 1 6 ? -5.587 8.658   -9.089  1.00 12.15 ? 6  DG  A "C2'" 1 
ATOM   111 C  "C1'" . DG  A 1 6 ? -4.223 8.289   -8.534  1.00 11.45 ? 6  DG  A "C1'" 1 
ATOM   112 N  N9    . DG  A 1 6 ? -3.540 7.256   -9.302  1.00 10.78 ? 6  DG  A N9    1 
ATOM   113 C  C8    . DG  A 1 6 ? -4.133 6.219   -9.971  1.00 10.10 ? 6  DG  A C8    1 
ATOM   114 N  N7    . DG  A 1 6 ? -3.272 5.416   -10.530 1.00 11.96 ? 6  DG  A N7    1 
ATOM   115 C  C5    . DG  A 1 6 ? -2.034 5.966   -10.224 1.00 10.21 ? 6  DG  A C5    1 
ATOM   116 C  C6    . DG  A 1 6 ? -0.721 5.533   -10.567 1.00 10.04 ? 6  DG  A C6    1 
ATOM   117 O  O6    . DG  A 1 6 ? -0.385 4.559   -11.238 1.00 12.42 ? 6  DG  A O6    1 
ATOM   118 N  N1    . DG  A 1 6 ? 0.252  6.375   -10.051 1.00 9.33  ? 6  DG  A N1    1 
ATOM   119 C  C2    . DG  A 1 6 ? 0.002  7.496   -9.309  1.00 9.46  ? 6  DG  A C2    1 
ATOM   120 N  N2    . DG  A 1 6 ? 1.078  8.174   -8.896  1.00 9.81  ? 6  DG  A N2    1 
ATOM   121 N  N3    . DG  A 1 6 ? -1.215 7.922   -8.989  1.00 11.24 ? 6  DG  A N3    1 
ATOM   122 C  C4    . DG  A 1 6 ? -2.180 7.108   -9.475  1.00 10.80 ? 6  DG  A C4    1 
ATOM   123 O  "O5'" . DC  B 1 1 ? 7.886  3.347   -8.910  1.00 34.37 ? 7  DC  B "O5'" 1 
ATOM   124 C  "C5'" . DC  B 1 1 ? 8.733  4.317   -9.561  1.00 28.98 ? 7  DC  B "C5'" 1 
ATOM   125 C  "C4'" . DC  B 1 1 ? 8.445  5.755   -9.185  1.00 25.70 ? 7  DC  B "C4'" 1 
ATOM   126 O  "O4'" . DC  B 1 1 ? 7.426  6.298   -10.056 1.00 23.10 ? 7  DC  B "O4'" 1 
ATOM   127 C  "C3'" . DC  B 1 1 ? 7.938  5.973   -7.764  1.00 22.61 ? 7  DC  B "C3'" 1 
ATOM   128 O  "O3'" . DC  B 1 1 ? 8.433  7.218   -7.260  1.00 26.44 ? 7  DC  B "O3'" 1 
ATOM   129 C  "C2'" . DC  B 1 1 ? 6.428  6.004   -7.932  1.00 20.27 ? 7  DC  B "C2'" 1 
ATOM   130 C  "C1'" . DC  B 1 1 ? 6.209  6.497   -9.358  1.00 15.14 ? 7  DC  B "C1'" 1 
ATOM   131 N  N1    . DC  B 1 1 ? 5.170  5.762   -10.090 1.00 13.75 ? 7  DC  B N1    1 
ATOM   132 C  C2    . DC  B 1 1 ? 3.844  6.155   -9.966  1.00 8.71  ? 7  DC  B C2    1 
ATOM   133 O  O2    . DC  B 1 1 ? 3.579  7.144   -9.280  1.00 13.68 ? 7  DC  B O2    1 
ATOM   134 N  N3    . DC  B 1 1 ? 2.887  5.458   -10.598 1.00 9.44  ? 7  DC  B N3    1 
ATOM   135 C  C4    . DC  B 1 1 ? 3.219  4.403   -11.340 1.00 8.61  ? 7  DC  B C4    1 
ATOM   136 N  N4    . DC  B 1 1 ? 2.243  3.722   -11.921 1.00 8.09  ? 7  DC  B N4    1 
ATOM   137 C  C5    . DC  B 1 1 ? 4.567  3.996   -11.511 1.00 10.32 ? 7  DC  B C5    1 
ATOM   138 C  C6    . DC  B 1 1 ? 5.504  4.697   -10.874 1.00 9.79  ? 7  DC  B C6    1 
ATOM   139 P  P     . DG  B 1 2 ? 9.292  7.253   -5.897  1.00 30.28 ? 8  DG  B P     1 
ATOM   140 O  OP1   . DG  B 1 2 ? 9.755  8.662   -5.686  1.00 31.65 ? 8  DG  B OP1   1 
ATOM   141 O  OP2   . DG  B 1 2 ? 10.286 6.137   -5.906  1.00 29.66 ? 8  DG  B OP2   1 
ATOM   142 O  "O5'" . DG  B 1 2 ? 8.229  6.943   -4.756  1.00 27.99 ? 8  DG  B "O5'" 1 
ATOM   143 C  "C5'" . DG  B 1 2 ? 7.167  7.862   -4.496  1.00 25.84 ? 8  DG  B "C5'" 1 
ATOM   144 C  "C4'" . DG  B 1 2 ? 6.177  7.247   -3.541  1.00 23.96 ? 8  DG  B "C4'" 1 
ATOM   145 O  "O4'" . DG  B 1 2 ? 5.463  6.167   -4.186  1.00 20.46 ? 8  DG  B "O4'" 1 
ATOM   146 C  "C3'" . DG  B 1 2 ? 6.807  6.641   -2.285  1.00 23.10 ? 8  DG  B "C3'" 1 
ATOM   147 O  "O3'" . DG  B 1 2 ? 5.973  6.967   -1.179  1.00 28.47 ? 8  DG  B "O3'" 1 
ATOM   148 C  "C2'" . DG  B 1 2 ? 6.723  5.148   -2.542  1.00 19.85 ? 8  DG  B "C2'" 1 
ATOM   149 C  "C1'" . DG  B 1 2 ? 5.391  5.108   -3.254  1.00 16.85 ? 8  DG  B "C1'" 1 
ATOM   150 N  N9    . DG  B 1 2 ? 5.116  3.885   -3.984  1.00 12.66 ? 8  DG  B N9    1 
ATOM   151 C  C8    . DG  B 1 2 ? 6.037  3.047   -4.552  1.00 11.81 ? 8  DG  B C8    1 
ATOM   152 N  N7    . DG  B 1 2 ? 5.496  2.009   -5.120  1.00 12.79 ? 8  DG  B N7    1 
ATOM   153 C  C5    . DG  B 1 2 ? 4.133  2.177   -4.912  1.00 12.29 ? 8  DG  B C5    1 
ATOM   154 C  C6    . DG  B 1 2 ? 3.058  1.370   -5.291  1.00 11.38 ? 8  DG  B C6    1 
ATOM   155 O  O6    . DG  B 1 2 ? 3.085  0.299   -5.893  1.00 14.78 ? 8  DG  B O6    1 
ATOM   156 N  N1    . DG  B 1 2 ? 1.841  1.914   -4.898  1.00 11.53 ? 8  DG  B N1    1 
ATOM   157 C  C2    . DG  B 1 2 ? 1.691  3.083   -4.221  1.00 7.67  ? 8  DG  B C2    1 
ATOM   158 N  N2    . DG  B 1 2 ? 0.442  3.430   -3.936  1.00 7.63  ? 8  DG  B N2    1 
ATOM   159 N  N3    . DG  B 1 2 ? 2.694  3.851   -3.848  1.00 10.56 ? 8  DG  B N3    1 
ATOM   160 C  C4    . DG  B 1 2 ? 3.882  3.337   -4.225  1.00 10.73 ? 8  DG  B C4    1 
HETATM 161 P  P     . G49 B 1 3 ? 6.624  7.475   0.191   1.00 28.88 ? 9  G49 B P     1 
HETATM 162 O  O1P   . G49 B 1 3 ? 7.497  8.632   -0.126  1.00 32.71 ? 9  G49 B O1P   1 
HETATM 163 O  O2P   . G49 B 1 3 ? 7.190  6.270   0.858   1.00 32.32 ? 9  G49 B O2P   1 
HETATM 164 O  "O5'" . G49 B 1 3 ? 5.381  7.987   1.041   1.00 29.11 ? 9  G49 B "O5'" 1 
HETATM 165 C  "C5'" . G49 B 1 3 ? 4.446  8.928   0.488   1.00 26.59 ? 9  G49 B "C5'" 1 
HETATM 166 C  "C4'" . G49 B 1 3 ? 3.031  8.461   0.740   1.00 24.43 ? 9  G49 B "C4'" 1 
HETATM 167 O  "O4'" . G49 B 1 3 ? 2.742  7.290   -0.062  1.00 22.77 ? 9  G49 B "O4'" 1 
HETATM 168 C  "C3'" . G49 B 1 3 ? 2.733  8.066   2.185   1.00 23.19 ? 9  G49 B "C3'" 1 
HETATM 169 O  "O3'" . G49 B 1 3 ? 1.454  8.585   2.544   1.00 25.81 ? 9  G49 B "O3'" 1 
HETATM 170 C  "C2'" . G49 B 1 3 ? 2.709  6.547   2.142   1.00 20.65 ? 9  G49 B "C2'" 1 
HETATM 171 C  "C1'" . G49 B 1 3 ? 2.185  6.272   0.748   1.00 16.66 ? 9  G49 B "C1'" 1 
HETATM 172 N  N9    . G49 B 1 3 ? 2.622  5.000   0.198   1.00 14.67 ? 9  G49 B N9    1 
HETATM 173 C  C8    . G49 B 1 3 ? 3.922  4.591   0.046   1.00 12.79 ? 9  G49 B C8    1 
HETATM 174 N  N7    . G49 B 1 3 ? 4.026  3.407   -0.483  1.00 13.57 ? 9  G49 B N7    1 
HETATM 175 C  C5    . G49 B 1 3 ? 2.714  3.007   -0.694  1.00 11.15 ? 9  G49 B C5    1 
HETATM 176 C  C6    . G49 B 1 3 ? 2.204  1.809   -1.243  1.00 10.89 ? 9  G49 B C6    1 
HETATM 177 O  O6    . G49 B 1 3 ? 2.827  0.837   -1.695  1.00 8.75  ? 9  G49 B O6    1 
HETATM 178 N  N1    . G49 B 1 3 ? 0.814  1.799   -1.245  1.00 10.58 ? 9  G49 B N1    1 
HETATM 179 C  C2    . G49 B 1 3 ? 0.021  2.814   -0.791  1.00 8.34  ? 9  G49 B C2    1 
HETATM 180 N  N2    . G49 B 1 3 ? -1.291 2.585   -0.845  1.00 9.60  ? 9  G49 B N2    1 
HETATM 181 C  CM2   . G49 B 1 3 ? -2.322 3.486   -0.424  1.00 11.56 ? 9  G49 B CM2   1 
HETATM 182 N  N3    . G49 B 1 3 ? 0.481  3.954   -0.308  1.00 11.35 ? 9  G49 B N3    1 
HETATM 183 C  C4    . G49 B 1 3 ? 1.833  3.977   -0.279  1.00 11.87 ? 9  G49 B C4    1 
HETATM 184 BR BR    . CBR B 1 4 ? 3.960  3.080   3.431   1.00 28.26 ? 10 CBR B BR    1 
HETATM 185 P  P     . CBR B 1 4 ? 0.932  8.457   4.054   1.00 27.62 ? 10 CBR B P     1 
HETATM 186 O  OP1   . CBR B 1 4 ? 0.082  9.636   4.324   1.00 28.11 ? 10 CBR B OP1   1 
HETATM 187 O  OP2   . CBR B 1 4 ? 2.097  8.155   4.938   1.00 27.42 ? 10 CBR B OP2   1 
HETATM 188 O  "O5'" . CBR B 1 4 ? -0.030 7.197   4.028   1.00 24.66 ? 10 CBR B "O5'" 1 
HETATM 189 N  N1    . CBR B 1 4 ? -0.058 2.826   3.101   1.00 17.79 ? 10 CBR B N1    1 
HETATM 190 C  C6    . CBR B 1 4 ? 1.211  3.247   3.361   1.00 18.59 ? 10 CBR B C6    1 
HETATM 191 C  C2    . CBR B 1 4 ? -0.283 1.622   2.432   1.00 16.99 ? 10 CBR B C2    1 
HETATM 192 O  O2    . CBR B 1 4 ? -1.449 1.273   2.211   1.00 15.40 ? 10 CBR B O2    1 
HETATM 193 N  N3    . CBR B 1 4 ? 0.770  0.874   2.039   1.00 14.96 ? 10 CBR B N3    1 
HETATM 194 C  C4    . CBR B 1 4 ? 2.007  1.294   2.288   1.00 15.86 ? 10 CBR B C4    1 
HETATM 195 N  N4    . CBR B 1 4 ? 3.011  0.528   1.879   1.00 12.87 ? 10 CBR B N4    1 
HETATM 196 C  C5    . CBR B 1 4 ? 2.265  2.527   2.974   1.00 19.05 ? 10 CBR B C5    1 
HETATM 197 C  "C2'" . CBR B 1 4 ? -1.107 4.219   4.893   1.00 20.43 ? 10 CBR B "C2'" 1 
HETATM 198 C  "C5'" . CBR B 1 4 ? -1.093 7.121   3.081   1.00 21.45 ? 10 CBR B "C5'" 1 
HETATM 199 C  "C4'" . CBR B 1 4 ? -1.879 5.856   3.311   1.00 21.08 ? 10 CBR B "C4'" 1 
HETATM 200 O  "O4'" . CBR B 1 4 ? -1.234 4.757   2.640   1.00 20.34 ? 10 CBR B "O4'" 1 
HETATM 201 C  "C1'" . CBR B 1 4 ? -1.204 3.640   3.500   1.00 19.24 ? 10 CBR B "C1'" 1 
HETATM 202 C  "C3'" . CBR B 1 4 ? -1.983 5.456   4.779   1.00 20.45 ? 10 CBR B "C3'" 1 
HETATM 203 O  "O3'" . CBR B 1 4 ? -3.338 5.146   5.055   1.00 21.56 ? 10 CBR B "O3'" 1 
ATOM   204 P  P     . DC  B 1 5 ? -3.875 5.232   6.558   1.00 24.61 ? 11 DC  B P     1 
ATOM   205 O  OP1   . DC  B 1 5 ? -5.272 5.744   6.542   1.00 24.65 ? 11 DC  B OP1   1 
ATOM   206 O  OP2   . DC  B 1 5 ? -2.830 5.939   7.359   1.00 25.11 ? 11 DC  B OP2   1 
ATOM   207 O  "O5'" . DC  B 1 5 ? -3.924 3.709   7.021   1.00 23.50 ? 11 DC  B "O5'" 1 
ATOM   208 C  "C5'" . DC  B 1 5 ? -4.831 2.780   6.398   1.00 19.39 ? 11 DC  B "C5'" 1 
ATOM   209 C  "C4'" . DC  B 1 5 ? -4.369 1.365   6.647   1.00 16.48 ? 11 DC  B "C4'" 1 
ATOM   210 O  "O4'" . DC  B 1 5 ? -3.097 1.180   5.981   1.00 17.21 ? 11 DC  B "O4'" 1 
ATOM   211 C  "C3'" . DC  B 1 5 ? -4.117 1.047   8.125   1.00 15.60 ? 11 DC  B "C3'" 1 
ATOM   212 O  "O3'" . DC  B 1 5 ? -4.587 -0.270  8.436   1.00 20.60 ? 11 DC  B "O3'" 1 
ATOM   213 C  "C2'" . DC  B 1 5 ? -2.605 1.062   8.222   1.00 14.01 ? 11 DC  B "C2'" 1 
ATOM   214 C  "C1'" . DC  B 1 5 ? -2.272 0.490   6.872   1.00 12.47 ? 11 DC  B "C1'" 1 
ATOM   215 N  N1    . DC  B 1 5 ? -0.889 0.660   6.453   1.00 12.70 ? 11 DC  B N1    1 
ATOM   216 C  C2    . DC  B 1 5 ? -0.353 -0.274  5.592   1.00 11.74 ? 11 DC  B C2    1 
ATOM   217 O  O2    . DC  B 1 5 ? -1.111 -1.087  5.045   1.00 13.78 ? 11 DC  B O2    1 
ATOM   218 N  N3    . DC  B 1 5 ? 0.969  -0.272  5.357   1.00 10.56 ? 11 DC  B N3    1 
ATOM   219 C  C4    . DC  B 1 5 ? 1.741  0.658   5.917   1.00 11.98 ? 11 DC  B C4    1 
ATOM   220 N  N4    . DC  B 1 5 ? 3.055  0.564   5.727   1.00 11.36 ? 11 DC  B N4    1 
ATOM   221 C  C5    . DC  B 1 5 ? 1.198  1.708   6.711   1.00 11.51 ? 11 DC  B C5    1 
ATOM   222 C  C6    . DC  B 1 5 ? -0.115 1.672   6.952   1.00 12.77 ? 11 DC  B C6    1 
ATOM   223 P  P     . DG  B 1 6 ? -5.908 -0.466  9.338   1.00 20.82 ? 12 DG  B P     1 
ATOM   224 O  OP1   . DG  B 1 6 ? -7.044 0.212   8.693   1.00 24.17 ? 12 DG  B OP1   1 
ATOM   225 O  OP2   . DG  B 1 6 ? -5.572 -0.148  10.750  1.00 23.00 ? 12 DG  B OP2   1 
ATOM   226 O  "O5'" . DG  B 1 6 ? -6.187 -2.024  9.250   1.00 19.85 ? 12 DG  B "O5'" 1 
ATOM   227 C  "C5'" . DG  B 1 6 ? -6.482 -2.648  7.994   1.00 15.92 ? 12 DG  B "C5'" 1 
ATOM   228 C  "C4'" . DG  B 1 6 ? -6.600 -4.137  8.190   1.00 14.48 ? 12 DG  B "C4'" 1 
ATOM   229 O  "O4'" . DG  B 1 6 ? -5.270 -4.674  8.360   1.00 13.55 ? 12 DG  B "O4'" 1 
ATOM   230 C  "C3'" . DG  B 1 6 ? -7.364 -4.507  9.462   1.00 15.13 ? 12 DG  B "C3'" 1 
ATOM   231 O  "O3'" . DG  B 1 6 ? -8.127 -5.677  9.232   1.00 15.54 ? 12 DG  B "O3'" 1 
ATOM   232 C  "C2'" . DG  B 1 6 ? -6.272 -4.695  10.499  1.00 11.87 ? 12 DG  B "C2'" 1 
ATOM   233 C  "C1'" . DG  B 1 6 ? -5.101 -5.202  9.674   1.00 9.96  ? 12 DG  B "C1'" 1 
ATOM   234 N  N9    . DG  B 1 6 ? -3.806 -4.746  10.158  1.00 10.03 ? 12 DG  B N9    1 
ATOM   235 C  C8    . DG  B 1 6 ? -3.555 -3.647  10.938  1.00 9.15  ? 12 DG  B C8    1 
ATOM   236 N  N7    . DG  B 1 6 ? -2.282 -3.464  11.169  1.00 10.79 ? 12 DG  B N7    1 
ATOM   237 C  C5    . DG  B 1 6 ? -1.658 -4.503  10.497  1.00 7.92  ? 12 DG  B C5    1 
ATOM   238 C  C6    . DG  B 1 6 ? -0.286 -4.817  10.366  1.00 9.07  ? 12 DG  B C6    1 
ATOM   239 O  O6    . DG  B 1 6 ? 0.693  -4.192  10.784  1.00 9.28  ? 12 DG  B O6    1 
ATOM   240 N  N1    . DG  B 1 6 ? -0.096 -5.983  9.644   1.00 8.82  ? 12 DG  B N1    1 
ATOM   241 C  C2    . DG  B 1 6 ? -1.092 -6.736  9.084   1.00 8.26  ? 12 DG  B C2    1 
ATOM   242 N  N2    . DG  B 1 6 ? -0.698 -7.833  8.428   1.00 7.10  ? 12 DG  B N2    1 
ATOM   243 N  N3    . DG  B 1 6 ? -2.376 -6.437  9.167   1.00 9.27  ? 12 DG  B N3    1 
ATOM   244 C  C4    . DG  B 1 6 ? -2.585 -5.317  9.888   1.00 8.75  ? 12 DG  B C4    1 
HETATM 245 C  C1    . DM8 C 2 . ? 4.068  -1.464  8.690   1.00 13.97 ? 7  DM8 A C1    1 
HETATM 246 C  C2    . DM8 C 2 . ? 4.063  -0.293  9.448   1.00 12.88 ? 7  DM8 A C2    1 
HETATM 247 C  C3    . DM8 C 2 . ? 2.865  0.276   9.850   1.00 13.26 ? 7  DM8 A C3    1 
HETATM 248 C  C4    . DM8 C 2 . ? 1.670  -0.288  9.483   1.00 11.51 ? 7  DM8 A C4    1 
HETATM 249 C  C5    . DM8 C 2 . ? 0.389  -2.038  8.229   1.00 11.40 ? 7  DM8 A C5    1 
HETATM 250 C  C6    . DM8 C 2 . ? -0.763 -3.823  6.985   1.00 8.24  ? 7  DM8 A C6    1 
HETATM 251 C  C7    . DM8 C 2 . ? -2.032 -5.464  5.656   1.00 10.79 ? 7  DM8 A C7    1 
HETATM 252 C  C8    . DM8 C 2 . ? -1.920 -6.825  5.050   1.00 11.46 ? 7  DM8 A C8    1 
HETATM 253 C  C9    . DM8 C 2 . ? -0.741 -7.004  4.145   1.00 13.00 ? 7  DM8 A C9    1 
HETATM 254 C  C10   . DM8 C 2 . ? 0.525  -6.801  4.981   1.00 11.87 ? 7  DM8 A C10   1 
HETATM 255 C  C11   . DM8 C 2 . ? 1.631  -4.991  6.316   1.00 10.25 ? 7  DM8 A C11   1 
HETATM 256 C  C12   . DM8 C 2 . ? 2.872  -3.242  7.469   1.00 12.85 ? 7  DM8 A C12   1 
HETATM 257 C  C13   . DM8 C 2 . ? -0.716 -8.428  3.489   1.00 16.34 ? 7  DM8 A C13   1 
HETATM 258 C  C14   . DM8 C 2 . ? -1.212 -8.648  2.056   1.00 13.15 ? 7  DM8 A C14   1 
HETATM 259 C  C15   . DM8 C 2 . ? 2.861  -2.041  8.313   1.00 12.96 ? 7  DM8 A C15   1 
HETATM 260 C  C16   . DM8 C 2 . ? 1.656  -1.444  8.685   1.00 13.08 ? 7  DM8 A C16   1 
HETATM 261 C  C17   . DM8 C 2 . ? 0.419  -3.254  7.409   1.00 10.20 ? 7  DM8 A C17   1 
HETATM 262 C  C18   . DM8 C 2 . ? 1.614  -3.829  7.056   1.00 9.35  ? 7  DM8 A C18   1 
HETATM 263 C  C19   . DM8 C 2 . ? 0.445  -5.570  5.902   1.00 9.65  ? 7  DM8 A C19   1 
HETATM 264 C  C20   . DM8 C 2 . ? -0.752 -4.963  6.219   1.00 8.42  ? 7  DM8 A C20   1 
HETATM 265 C  C21   . DM8 C 2 . ? 0.573  1.564   10.500  1.00 14.92 ? 7  DM8 A C21   1 
HETATM 266 O  O4    . DM8 C 2 . ? 0.539  0.281   9.925   1.00 15.96 ? 7  DM8 A O4    1 
HETATM 267 O  O5    . DM8 C 2 . ? -0.692 -1.583  8.646   1.00 13.56 ? 7  DM8 A O5    1 
HETATM 268 O  O6    . DM8 C 2 . ? -1.976 -3.306  7.444   1.00 9.26  ? 7  DM8 A O6    1 
HETATM 269 O  O7    . DM8 C 2 . ? -2.582 -4.492  4.752   1.00 16.59 ? 7  DM8 A O7    1 
HETATM 270 O  O9    . DM8 C 2 . ? -0.828 -6.013  3.142   1.00 16.01 ? 7  DM8 A O9    1 
HETATM 271 O  O11   . DM8 C 2 . ? 2.788  -5.640  5.859   1.00 9.83  ? 7  DM8 A O11   1 
HETATM 272 O  O12   . DM8 C 2 . ? 3.932  -3.637  6.946   1.00 14.17 ? 7  DM8 A O12   1 
HETATM 273 O  O13   . DM8 C 2 . ? -0.172 -9.375  4.094   1.00 16.45 ? 7  DM8 A O13   1 
HETATM 274 C  "C1'" . DM8 C 2 . ? -4.005 -4.310  4.675   1.00 14.31 ? 7  DM8 A "C1'" 1 
HETATM 275 C  "C2'" . DM8 C 2 . ? -4.282 -2.945  4.029   1.00 14.95 ? 7  DM8 A "C2'" 1 
HETATM 276 C  "C3'" . DM8 C 2 . ? -4.016 -3.001  2.470   1.00 14.61 ? 7  DM8 A "C3'" 1 
HETATM 277 C  "C4'" . DM8 C 2 . ? -4.648 -4.216  1.742   1.00 12.44 ? 7  DM8 A "C4'" 1 
HETATM 278 C  "C5'" . DM8 C 2 . ? -4.274 -5.497  2.453   1.00 12.84 ? 7  DM8 A "C5'" 1 
HETATM 279 C  "C6'" . DM8 C 2 . ? -5.025 -6.658  1.857   1.00 12.32 ? 7  DM8 A "C6'" 1 
HETATM 280 O  "O5'" . DM8 C 2 . ? -4.649 -5.349  3.855   1.00 14.87 ? 7  DM8 A "O5'" 1 
HETATM 281 O  "O4'" . DM8 C 2 . ? -4.245 -4.338  0.397   1.00 12.28 ? 7  DM8 A "O4'" 1 
HETATM 282 N  "N3'" . DM8 C 2 . ? -4.421 -1.778  1.788   1.00 11.60 ? 7  DM8 A "N3'" 1 
HETATM 283 BR BR    . DM8 C 2 . ? -6.010 -2.456  4.508   1.00 20.05 ? 7  DM8 A BR    1 
HETATM 284 C  C1    . DM8 D 2 . ? 1.757  0.432   -9.939  1.00 14.29 ? 13 DM8 B C1    1 
HETATM 285 C  C2    . DM8 D 2 . ? 0.906  -0.542  -10.516 1.00 15.18 ? 13 DM8 B C2    1 
HETATM 286 C  C3    . DM8 D 2 . ? -0.495 -0.407  -10.511 1.00 14.40 ? 13 DM8 B C3    1 
HETATM 287 C  C4    . DM8 D 2 . ? -1.080 0.707   -9.930  1.00 14.11 ? 13 DM8 B C4    1 
HETATM 288 C  C5    . DM8 D 2 . ? -0.832 2.782   -8.564  1.00 12.48 ? 13 DM8 B C5    1 
HETATM 289 C  C6    . DM8 D 2 . ? -0.519 4.761   -7.189  1.00 11.57 ? 13 DM8 B C6    1 
HETATM 290 C  C7    . DM8 D 2 . ? -0.407 6.728   -5.699  1.00 13.11 ? 13 DM8 B C7    1 
HETATM 291 C  C8    . DM8 D 2 . ? 0.553  7.815   -5.270  1.00 14.99 ? 13 DM8 B C8    1 
HETATM 292 C  C9    . DM8 D 2 . ? 1.875  7.234   -4.770  1.00 16.27 ? 13 DM8 B C9    1 
HETATM 293 C  C10   . DM8 D 2 . ? 2.557  6.542   -5.914  1.00 11.41 ? 13 DM8 B C10   1 
HETATM 294 C  C11   . DM8 D 2 . ? 2.254  4.558   -7.354  1.00 8.58  ? 13 DM8 B C11   1 
HETATM 295 C  C12   . DM8 D 2 . ? 2.047  2.528   -8.694  1.00 11.50 ? 13 DM8 B C12   1 
HETATM 296 C  C13   . DM8 D 2 . ? 2.667  8.462   -4.367  1.00 18.91 ? 13 DM8 B C13   1 
HETATM 297 C  C14   . DM8 D 2 . ? 2.847  8.766   -2.911  1.00 20.45 ? 13 DM8 B C14   1 
HETATM 298 C  C15   . DM8 D 2 . ? 1.183  1.539   -9.330  1.00 13.90 ? 13 DM8 B C15   1 
HETATM 299 C  C16   . DM8 D 2 . ? -0.241 1.663   -9.291  1.00 13.98 ? 13 DM8 B C16   1 
HETATM 300 C  C17   . DM8 D 2 . ? 0.057  3.726   -7.882  1.00 10.83 ? 13 DM8 B C17   1 
HETATM 301 C  C18   . DM8 D 2 . ? 1.448  3.632   -7.990  1.00 10.24 ? 13 DM8 B C18   1 
HETATM 302 C  C19   . DM8 D 2 . ? 1.668  5.602   -6.656  1.00 8.78  ? 13 DM8 B C19   1 
HETATM 303 C  C20   . DM8 D 2 . ? 0.283  5.699   -6.558  1.00 11.40 ? 13 DM8 B C20   1 
HETATM 304 C  C21   . DM8 D 2 . ? -3.281 -0.175  -10.529 1.00 11.56 ? 13 DM8 B C21   1 
HETATM 305 O  O4    . DM8 D 2 . ? -2.431 0.861   -10.026 1.00 19.38 ? 13 DM8 B O4    1 
HETATM 306 O  O5    . DM8 D 2 . ? -2.041 3.021   -8.664  1.00 15.50 ? 13 DM8 B O5    1 
HETATM 307 O  O6    . DM8 D 2 . ? -1.941 4.818   -7.097  1.00 11.45 ? 13 DM8 B O6    1 
HETATM 308 O  O7    . DM8 D 2 . ? -1.034 6.067   -4.593  1.00 16.56 ? 13 DM8 B O7    1 
HETATM 309 O  O9    . DM8 D 2 . ? 1.796  6.318   -3.628  1.00 16.59 ? 13 DM8 B O9    1 
HETATM 310 O  O11   . DM8 D 2 . ? 3.606  4.248   -7.301  1.00 9.26  ? 13 DM8 B O11   1 
HETATM 311 O  O12   . DM8 D 2 . ? 3.250  2.319   -8.597  1.00 17.48 ? 13 DM8 B O12   1 
HETATM 312 O  O13   . DM8 D 2 . ? 3.323  9.094   -5.212  1.00 22.75 ? 13 DM8 B O13   1 
HETATM 313 C  "C1'" . DM8 D 2 . ? -2.338 6.541   -4.256  1.00 15.78 ? 13 DM8 B "C1'" 1 
HETATM 314 C  "C2'" . DM8 D 2 . ? -3.070 5.395   -3.527  1.00 17.74 ? 13 DM8 B "C2'" 1 
HETATM 315 C  "C3'" . DM8 D 2 . ? -2.394 5.106   -2.180  1.00 18.45 ? 13 DM8 B "C3'" 1 
HETATM 316 C  "C4'" . DM8 D 2 . ? -2.151 6.457   -1.378  1.00 17.88 ? 13 DM8 B "C4'" 1 
HETATM 317 C  "C5'" . DM8 D 2 . ? -1.452 7.482   -2.257  1.00 17.72 ? 13 DM8 B "C5'" 1 
HETATM 318 C  "C6'" . DM8 D 2 . ? -1.225 8.785   -1.474  1.00 16.70 ? 13 DM8 B "C6'" 1 
HETATM 319 O  "O5'" . DM8 D 2 . ? -2.249 7.712   -3.451  1.00 17.96 ? 13 DM8 B "O5'" 1 
HETATM 320 O  "O4'" . DM8 D 2 . ? -1.405 6.353   -0.164  1.00 21.80 ? 13 DM8 B "O4'" 1 
HETATM 321 N  "N3'" . DM8 D 2 . ? -3.142 4.053   -1.438  1.00 14.96 ? 13 DM8 B "N3'" 1 
HETATM 322 BR BR    . DM8 D 2 . ? -4.857 5.681   -3.257  1.00 21.28 ? 13 DM8 B BR    1 
HETATM 323 O  O     . HOH E 3 . ? -7.230 -1.470  0.891   1.00 29.44 ? 18 HOH A O     1 
HETATM 324 O  O     . HOH E 3 . ? 4.059  -4.857  -2.087  1.00 25.16 ? 19 HOH A O     1 
HETATM 325 O  O     . HOH E 3 . ? -1.541 10.394  -7.273  1.00 27.70 ? 22 HOH A O     1 
HETATM 326 O  O     . HOH E 3 . ? 0.529  -3.958  -8.555  1.00 26.53 ? 24 HOH A O     1 
HETATM 327 O  O     . HOH E 3 . ? 4.164  -2.751  -4.369  1.00 39.89 ? 26 HOH A O     1 
HETATM 328 O  O     . HOH E 3 . ? 0.183  -12.237 0.637   1.00 23.95 ? 30 HOH A O     1 
HETATM 329 O  O     . HOH E 3 . ? 5.090  -2.389  -0.213  1.00 34.15 ? 31 HOH A O     1 
HETATM 330 O  O     . HOH E 3 . ? 1.740  -10.652 7.122   1.00 37.09 ? 33 HOH A O     1 
HETATM 331 O  O     . HOH E 3 . ? -9.084 -6.267  -3.995  1.00 41.05 ? 35 HOH A O     1 
HETATM 332 O  O     . HOH E 3 . ? 7.313  -7.771  2.351   1.00 37.02 ? 40 HOH A O     1 
HETATM 333 O  O     . HOH E 3 . ? -8.412 4.833   -4.270  1.00 21.77 ? 41 HOH A O     1 
HETATM 334 O  O     . HOH E 3 . ? -7.398 -6.119  5.116   1.00 27.12 ? 44 HOH A O     1 
HETATM 335 O  O     . HOH E 3 . ? -5.383 -1.951  -8.068  1.00 41.11 ? 45 HOH A O     1 
HETATM 336 O  O     . HOH E 3 . ? 1.227  -13.698 -2.398  1.00 45.50 ? 47 HOH A O     1 
HETATM 337 O  O     . HOH F 3 . ? 6.204  -0.535  -5.908  1.00 45.60 ? 15 HOH B O     1 
HETATM 338 O  O     . HOH F 3 . ? 9.316  3.452   -4.840  1.00 34.76 ? 16 HOH B O     1 
HETATM 339 O  O     . HOH F 3 . ? -7.521 -10.554 7.059   1.00 30.87 ? 17 HOH B O     1 
HETATM 340 O  O     . HOH F 3 . ? 5.785  2.000   6.873   1.00 33.74 ? 20 HOH B O     1 
HETATM 341 O  O     . HOH F 3 . ? -9.921 -2.706  6.150   1.00 33.53 ? 21 HOH B O     1 
HETATM 342 O  O     . HOH F 3 . ? -1.151 -1.048  11.657  1.00 27.31 ? 23 HOH B O     1 
HETATM 343 O  O     . HOH F 3 . ? -1.152 4.434   8.829   1.00 26.29 ? 25 HOH B O     1 
HETATM 344 O  O     . HOH F 3 . ? 1.287  -2.270  12.497  1.00 21.69 ? 27 HOH B O     1 
HETATM 345 O  O     . HOH F 3 . ? -5.258 5.130   0.646   1.00 33.02 ? 28 HOH B O     1 
HETATM 346 O  O     . HOH F 3 . ? -3.729 1.004   3.372   1.00 21.40 ? 29 HOH B O     1 
HETATM 347 O  O     . HOH F 3 . ? -2.906 -10.625 10.118  1.00 29.43 ? 32 HOH B O     1 
HETATM 348 O  O     . HOH F 3 . ? -6.782 -7.958  8.142   1.00 27.19 ? 34 HOH B O     1 
HETATM 349 O  O     . HOH F 3 . ? -9.453 -5.333  6.468   1.00 36.18 ? 36 HOH B O     1 
HETATM 350 O  O     . HOH F 3 . ? 1.978  5.433   6.091   1.00 31.89 ? 37 HOH B O     1 
HETATM 351 O  O     . HOH F 3 . ? -3.456 0.600   12.270  1.00 37.10 ? 38 HOH B O     1 
HETATM 352 O  O     . HOH F 3 . ? 6.151  0.883   1.809   1.00 39.43 ? 39 HOH B O     1 
HETATM 353 O  O     . HOH F 3 . ? 6.561  1.581   -0.993  1.00 36.22 ? 42 HOH B O     1 
HETATM 354 O  O     . HOH F 3 . ? -4.024 -8.588  8.174   1.00 31.25 ? 43 HOH B O     1 
HETATM 355 O  O     . HOH F 3 . ? -4.076 9.882   -3.942  1.00 37.19 ? 46 HOH B O     1 
HETATM 356 O  O     . HOH F 3 . ? 3.626  3.587   7.967   1.00 45.89 ? 48 HOH B O     1 
# 
